data_9IK8
#
_entry.id   9IK8
#
_cell.length_a   1.00
_cell.length_b   1.00
_cell.length_c   1.00
_cell.angle_alpha   90.00
_cell.angle_beta   90.00
_cell.angle_gamma   90.00
#
_symmetry.space_group_name_H-M   'P 1'
#
loop_
_entity.id
_entity.type
_entity.pdbx_description
1 polymer 'Somatostatin receptor type 1'
2 polymer scFv16
3 polymer 'Guanine nucleotide-binding protein G(I)/G(S)/G(T) subunit beta-1'
4 polymer 'Guanine nucleotide-binding protein G(I)/G(S)/G(O) subunit gamma-2'
5 polymer 'Guanine nucleotide-binding protein G(i) subunit alpha-1'
6 polymer DTR-LYS-TY5-PHA-A1D5E-004
#
loop_
_entity_poly.entity_id
_entity_poly.type
_entity_poly.pdbx_seq_one_letter_code
_entity_poly.pdbx_strand_id
1 'polypeptide(L)'
;MFPNGTASSPSSSPSPSPGSCGEGGGSRGPGAGAADGMEEPGRNASQNGTLSEGQGSAILISFIYSVVCLVGLCGNSMVI
YVILRYAKMKTATNIYILNLAIADELLMLSVPFLVTSTLLRHWPFGALLCRLVLSVDAVNMFTSIYCLTVLSVDRYVAVV
HPIKAARYRRPTVAKVVNLGVWVLSLLVILPIVVFSRTAANSDGTVACNMLMPEPAQRWLVGFVLYTFLMGFLLPVGAIC
LCYVLIIAKMRMVALKAGWQQRKRSERKITLMVMMVVMVFVICWMPFYVVQLVNVFAEQDDATVSQLSVILGYANSCANP
ILYGFLSDNFKRSFQRILCLSWMDNAAEEPVDYYATALKSRAYSVEDFQPENLESGGVFRNGTCTSRITTLLE
;
D
2 'polypeptide(L)'
;VQLVESGGGLVQPGGSRKLSCSASGFAFSSFGMHWVRQAPEKGLEWVAYISSGSGTIYYADTVKGRFTISRDDPKNTLFL
QMTSLRSEDTAMYYCVRSIYYYGSSPFDFWGQGTTLTVSSGGGGSGGGGSGGGGSDIVMTQATSSVPVTPGESVSISCRS
SKSLLHSNGNTYLYWFLQRPGQSPQLLIYRMSNLASGVPDRFSGSGSGTAFTLTISRLEAEDVGVYYCMQHLEYPLTFGA
GTKLELSISCRSSKSLLHSNGNTYLYWFLQRPGQSPQLLIYRMSNLASGVPDRFSGSGSGTAFTLTISRLEAEDVGVYYC
MQHLEYPLTFGAGTKLEL
;
E
3 'polypeptide(L)'
;MHHHHHHHHHHLEVLFQGPGSSGSELDQLRQEAEQLKNQIRDARKACADATLSQITNNIDPVGRIQMRTRRTLRGHLAKI
YAMHWGTDSRLLVSASQDGKLIIWDSYTTNKVHAIPLRSSWVMTCAYAPSGNYVACGGLDNICSIYNLKTREGNVRVSRE
LAGHTGYLSCCRFLDDNQIVTSSGDTTCALWDIETGQQTTTFTGHTGDVMSLSLAPDTRLFVSGACDASAKLWDVREGMC
RQTFTGHESDINAICFFPNGNAFATGSDDATCRLFDLRADQELMTYSHDNIICGITSVSFSKSGRLLLAGYDDFNCNVWD
ALKADRAGVLAGHDNRVSCLGVTDDGMAVATGSWDSFLKIWNVSGWRLFKKIS
;
B
4 'polypeptide(L)' MASNNTASIAQARKLVEQLKMEANIDRIKVSKAAADLMAYCEAHAKEDPLLTPVPASENPFREKKFFCAIL C
5 'polypeptide(L)'
;LSAEDKAAVERSKMIDRNLREDGEKAAREVKLLLLGAGESGKSTIVKQMKIIHEAGYSEEECKQYKAVVYSNTIQSIIAI
IRAMGRLKIDFGDSARADDARQLFVLAGAAEEGFMTAELAGVIKRLWKDSGVQACFNRSREYQLNDSAAYYLNDLDRIAQ
PNYIPTQQDVLRTRVKTTGIVETHFTFKDLHFKMFDVGGQRSERKKWIHCFEGVTAIIFCVALSDYDLVLAEDEEMNRMH
ESMKLFDSICNNKWFTDTSIILFLNKKDLFEEKIKKSPLTICYPEYAGSNTYEEAAAYIQCQFEDLNKRKDTKEIYTHFT
CATDTKNVQFVFDAVTDVIIKNNLKDCGLF
;
A
6 'polypeptide(L)' (DTR)K(TY5)(PHA)(A1D5E)(004) F
#
# COMPACT_ATOMS: atom_id res chain seq x y z
N SER A 57 20.24 -12.02 -55.32
CA SER A 57 19.10 -11.65 -54.52
C SER A 57 19.07 -12.42 -53.20
N ALA A 58 19.55 -13.67 -53.25
CA ALA A 58 19.56 -14.50 -52.06
C ALA A 58 20.44 -13.89 -50.96
N ILE A 59 21.61 -13.39 -51.34
CA ILE A 59 22.51 -12.80 -50.35
C ILE A 59 21.92 -11.51 -49.78
N LEU A 60 21.42 -10.64 -50.66
CA LEU A 60 20.85 -9.37 -50.20
C LEU A 60 19.60 -9.61 -49.36
N ILE A 61 18.74 -10.53 -49.80
CA ILE A 61 17.53 -10.80 -49.03
C ILE A 61 17.88 -11.44 -47.69
N SER A 62 18.93 -12.27 -47.66
CA SER A 62 19.37 -12.83 -46.37
C SER A 62 19.91 -11.75 -45.45
N PHE A 63 20.65 -10.79 -46.00
CA PHE A 63 21.14 -9.68 -45.18
C PHE A 63 19.98 -8.87 -44.62
N ILE A 64 18.97 -8.61 -45.45
CA ILE A 64 17.78 -7.90 -44.96
C ILE A 64 17.06 -8.73 -43.91
N TYR A 65 16.99 -10.05 -44.10
CA TYR A 65 16.40 -10.92 -43.09
C TYR A 65 17.10 -10.77 -41.76
N SER A 66 18.44 -10.81 -41.78
CA SER A 66 19.21 -10.68 -40.55
C SER A 66 18.98 -9.31 -39.92
N VAL A 67 18.93 -8.27 -40.74
CA VAL A 67 18.72 -6.92 -40.21
C VAL A 67 17.36 -6.84 -39.52
N VAL A 68 16.32 -7.36 -40.17
CA VAL A 68 14.98 -7.30 -39.59
C VAL A 68 14.92 -8.13 -38.30
N CYS A 69 15.53 -9.32 -38.33
CA CYS A 69 15.53 -10.17 -37.14
C CYS A 69 16.21 -9.47 -35.97
N LEU A 70 17.37 -8.86 -36.22
CA LEU A 70 18.08 -8.19 -35.14
C LEU A 70 17.33 -6.96 -34.65
N VAL A 71 16.70 -6.21 -35.56
CA VAL A 71 15.94 -5.04 -35.14
C VAL A 71 14.77 -5.46 -34.25
N GLY A 72 14.01 -6.48 -34.68
CA GLY A 72 12.91 -6.95 -33.86
C GLY A 72 13.38 -7.50 -32.54
N LEU A 73 14.49 -8.22 -32.56
CA LEU A 73 15.05 -8.77 -31.32
C LEU A 73 15.41 -7.65 -30.36
N CYS A 74 16.10 -6.63 -30.86
CA CYS A 74 16.49 -5.51 -30.00
C CYS A 74 15.25 -4.83 -29.42
N GLY A 75 14.26 -4.53 -30.27
CA GLY A 75 13.06 -3.86 -29.81
C GLY A 75 12.35 -4.64 -28.73
N ASN A 76 11.96 -5.87 -29.03
CA ASN A 76 11.21 -6.65 -28.06
C ASN A 76 12.04 -7.03 -26.84
N SER A 77 13.35 -7.20 -27.00
CA SER A 77 14.19 -7.48 -25.84
C SER A 77 14.22 -6.28 -24.91
N MET A 78 14.46 -5.08 -25.43
CA MET A 78 14.40 -3.89 -24.60
C MET A 78 13.02 -3.73 -23.98
N VAL A 79 11.98 -4.23 -24.65
CA VAL A 79 10.64 -4.17 -24.07
C VAL A 79 10.58 -4.97 -22.77
N ILE A 80 11.03 -6.20 -22.81
CA ILE A 80 10.95 -7.00 -21.61
C ILE A 80 11.91 -6.40 -20.56
N TYR A 81 13.10 -5.95 -20.97
CA TYR A 81 14.04 -5.37 -20.01
C TYR A 81 13.40 -4.19 -19.27
N VAL A 82 12.70 -3.33 -20.01
CA VAL A 82 12.06 -2.18 -19.41
C VAL A 82 10.90 -2.60 -18.51
N ILE A 83 10.16 -3.64 -18.90
CA ILE A 83 8.95 -4.00 -18.16
C ILE A 83 9.25 -4.82 -16.91
N LEU A 84 10.33 -5.60 -16.89
CA LEU A 84 10.58 -6.45 -15.73
C LEU A 84 10.93 -5.65 -14.49
N ARG A 85 11.86 -4.70 -14.60
CA ARG A 85 12.47 -4.06 -13.44
C ARG A 85 12.09 -2.59 -13.30
N TYR A 86 12.34 -1.77 -14.31
CA TYR A 86 12.06 -0.35 -14.20
C TYR A 86 10.57 -0.06 -14.16
N ALA A 87 9.76 -0.83 -14.91
CA ALA A 87 8.32 -0.65 -14.87
C ALA A 87 7.69 -1.22 -13.61
N LYS A 88 8.28 -2.28 -13.04
CA LYS A 88 7.73 -2.93 -11.85
C LYS A 88 6.31 -3.42 -12.11
N MET A 89 6.21 -4.38 -13.01
CA MET A 89 4.93 -4.90 -13.47
C MET A 89 3.99 -5.13 -12.29
N LYS A 90 2.84 -4.47 -12.32
CA LYS A 90 1.76 -4.70 -11.36
C LYS A 90 0.45 -5.05 -12.02
N THR A 91 0.04 -4.30 -13.04
CA THR A 91 -1.31 -4.38 -13.59
C THR A 91 -1.35 -5.31 -14.81
N ALA A 92 -2.58 -5.60 -15.26
CA ALA A 92 -2.77 -6.56 -16.34
C ALA A 92 -2.16 -6.06 -17.64
N THR A 93 -2.14 -4.75 -17.87
CA THR A 93 -1.57 -4.22 -19.10
C THR A 93 -0.11 -4.64 -19.24
N ASN A 94 0.64 -4.56 -18.15
CA ASN A 94 2.03 -4.98 -18.17
C ASN A 94 2.17 -6.48 -18.41
N ILE A 95 1.29 -7.30 -17.84
CA ILE A 95 1.33 -8.73 -18.09
C ILE A 95 1.12 -9.00 -19.58
N TYR A 96 0.13 -8.35 -20.18
CA TYR A 96 -0.16 -8.58 -21.59
C TYR A 96 0.99 -8.10 -22.47
N ILE A 97 1.58 -6.95 -22.14
CA ILE A 97 2.73 -6.48 -22.90
C ILE A 97 3.88 -7.46 -22.77
N LEU A 98 4.09 -8.01 -21.57
CA LEU A 98 5.16 -8.98 -21.37
C LEU A 98 4.93 -10.22 -22.23
N ASN A 99 3.71 -10.74 -22.22
CA ASN A 99 3.39 -11.92 -23.01
C ASN A 99 3.59 -11.64 -24.50
N LEU A 100 3.14 -10.48 -24.97
CA LEU A 100 3.32 -10.13 -26.36
C LEU A 100 4.80 -10.01 -26.72
N ALA A 101 5.60 -9.43 -25.84
CA ALA A 101 7.03 -9.31 -26.12
C ALA A 101 7.69 -10.68 -26.19
N ILE A 102 7.33 -11.58 -25.28
CA ILE A 102 7.88 -12.94 -25.32
C ILE A 102 7.49 -13.63 -26.61
N ALA A 103 6.21 -13.55 -26.98
CA ALA A 103 5.76 -14.19 -28.21
C ALA A 103 6.48 -13.62 -29.42
N ASP A 104 6.62 -12.30 -29.47
CA ASP A 104 7.30 -11.65 -30.58
C ASP A 104 8.75 -12.10 -30.66
N GLU A 105 9.41 -12.17 -29.52
CA GLU A 105 10.80 -12.55 -29.52
C GLU A 105 10.97 -13.98 -30.01
N LEU A 106 10.13 -14.88 -29.51
CA LEU A 106 10.22 -16.28 -29.92
C LEU A 106 9.93 -16.44 -31.41
N LEU A 107 8.96 -15.67 -31.93
CA LEU A 107 8.69 -15.72 -33.37
C LEU A 107 9.89 -15.24 -34.16
N MET A 108 10.52 -14.15 -33.73
CA MET A 108 11.56 -13.50 -34.51
C MET A 108 12.86 -14.28 -34.57
N LEU A 109 13.13 -15.09 -33.54
CA LEU A 109 14.41 -15.80 -33.48
C LEU A 109 14.53 -16.98 -34.45
N SER A 110 13.56 -17.15 -35.34
CA SER A 110 13.58 -18.28 -36.29
C SER A 110 13.63 -17.83 -37.74
N VAL A 111 14.06 -16.59 -37.96
CA VAL A 111 14.23 -16.11 -39.33
C VAL A 111 15.37 -16.82 -40.06
N PRO A 112 16.58 -16.85 -39.48
CA PRO A 112 17.72 -17.38 -40.24
C PRO A 112 17.51 -18.81 -40.71
N PHE A 113 16.73 -19.59 -39.96
CA PHE A 113 16.44 -20.96 -40.37
C PHE A 113 15.73 -20.99 -41.71
N LEU A 114 14.76 -20.09 -41.84
CA LEU A 114 13.99 -20.00 -43.07
C LEU A 114 14.81 -19.39 -44.17
N VAL A 115 15.66 -18.45 -43.81
CA VAL A 115 16.50 -17.84 -44.82
C VAL A 115 17.51 -18.84 -45.38
N THR A 116 17.91 -19.82 -44.58
CA THR A 116 18.83 -20.85 -45.07
C THR A 116 18.05 -21.89 -45.81
N SER A 117 16.84 -22.18 -45.45
CA SER A 117 16.03 -23.10 -46.23
C SER A 117 15.73 -22.54 -47.63
N THR A 118 15.56 -21.22 -47.73
CA THR A 118 15.36 -20.59 -49.04
C THR A 118 16.66 -20.46 -49.84
N LEU A 119 17.81 -20.34 -49.17
CA LEU A 119 19.10 -20.16 -49.83
C LEU A 119 19.84 -21.48 -49.98
N LEU A 120 19.90 -22.27 -48.91
CA LEU A 120 20.56 -23.58 -48.99
C LEU A 120 19.72 -24.57 -49.78
N ARG A 121 18.40 -24.41 -49.76
CA ARG A 121 17.43 -25.32 -50.37
C ARG A 121 17.40 -26.68 -49.68
N HIS A 122 18.13 -26.84 -48.58
CA HIS A 122 18.09 -28.08 -47.81
C HIS A 122 18.05 -27.72 -46.33
N TRP A 123 17.78 -28.72 -45.51
CA TRP A 123 17.64 -28.54 -44.07
C TRP A 123 18.75 -29.27 -43.33
N PRO A 124 19.96 -28.69 -43.24
CA PRO A 124 21.08 -29.37 -42.57
C PRO A 124 21.08 -29.21 -41.06
N PHE A 125 19.89 -29.36 -40.45
CA PHE A 125 19.76 -29.26 -39.00
C PHE A 125 19.15 -30.50 -38.35
N GLY A 126 18.66 -31.46 -39.12
CA GLY A 126 18.04 -32.65 -38.57
C GLY A 126 16.52 -32.56 -38.61
N ALA A 127 15.88 -33.73 -38.68
CA ALA A 127 14.43 -33.79 -38.74
C ALA A 127 13.80 -33.21 -37.48
N LEU A 128 14.41 -33.49 -36.31
CA LEU A 128 13.88 -32.95 -35.07
C LEU A 128 13.87 -31.43 -35.09
N LEU A 129 14.94 -30.82 -35.63
CA LEU A 129 14.96 -29.37 -35.78
C LEU A 129 13.89 -28.89 -36.75
N CYS A 130 13.71 -29.63 -37.86
CA CYS A 130 12.67 -29.26 -38.81
C CYS A 130 11.31 -29.22 -38.14
N ARG A 131 11.03 -30.17 -37.25
CA ARG A 131 9.78 -30.16 -36.51
C ARG A 131 9.73 -29.01 -35.50
N LEU A 132 10.80 -28.85 -34.72
CA LEU A 132 10.75 -27.94 -33.58
C LEU A 132 10.70 -26.48 -34.02
N VAL A 133 11.50 -26.11 -35.02
CA VAL A 133 11.51 -24.72 -35.47
C VAL A 133 10.14 -24.34 -36.03
N LEU A 134 9.57 -25.23 -36.82
CA LEU A 134 8.26 -25.01 -37.41
C LEU A 134 7.22 -24.84 -36.34
N SER A 135 7.23 -25.76 -35.38
CA SER A 135 6.27 -25.70 -34.28
C SER A 135 6.40 -24.41 -33.49
N VAL A 136 7.64 -23.99 -33.21
CA VAL A 136 7.85 -22.76 -32.46
C VAL A 136 7.36 -21.56 -33.25
N ASP A 137 7.60 -21.54 -34.56
CA ASP A 137 7.10 -20.44 -35.38
C ASP A 137 5.58 -20.35 -35.30
N ALA A 138 4.90 -21.49 -35.48
CA ALA A 138 3.44 -21.47 -35.42
C ALA A 138 2.96 -21.01 -34.05
N VAL A 139 3.58 -21.55 -32.98
CA VAL A 139 3.18 -21.18 -31.63
C VAL A 139 3.31 -19.68 -31.43
N ASN A 140 4.47 -19.12 -31.78
CA ASN A 140 4.74 -17.72 -31.50
C ASN A 140 3.83 -16.82 -32.34
N MET A 141 3.66 -17.12 -33.62
CA MET A 141 2.79 -16.29 -34.45
C MET A 141 1.38 -16.29 -33.91
N PHE A 142 0.83 -17.47 -33.63
CA PHE A 142 -0.54 -17.55 -33.14
C PHE A 142 -0.70 -16.84 -31.79
N THR A 143 0.23 -17.07 -30.86
CA THR A 143 0.08 -16.47 -29.54
C THR A 143 0.33 -14.96 -29.57
N SER A 144 1.14 -14.48 -30.50
CA SER A 144 1.27 -13.03 -30.68
C SER A 144 -0.04 -12.43 -31.16
N ILE A 145 -0.66 -13.06 -32.18
CA ILE A 145 -1.94 -12.56 -32.65
C ILE A 145 -3.00 -12.63 -31.58
N TYR A 146 -2.95 -13.64 -30.71
CA TYR A 146 -3.92 -13.76 -29.63
C TYR A 146 -3.67 -12.76 -28.51
N CYS A 147 -2.40 -12.45 -28.22
CA CYS A 147 -2.09 -11.42 -27.24
C CYS A 147 -2.54 -10.05 -27.74
N LEU A 148 -2.43 -9.79 -29.04
CA LEU A 148 -2.99 -8.56 -29.59
C LEU A 148 -4.49 -8.47 -29.31
N THR A 149 -5.21 -9.56 -29.55
CA THR A 149 -6.65 -9.56 -29.34
C THR A 149 -6.98 -9.36 -27.86
N VAL A 150 -6.21 -10.01 -26.98
CA VAL A 150 -6.48 -9.89 -25.56
C VAL A 150 -6.18 -8.47 -25.08
N LEU A 151 -5.15 -7.83 -25.61
CA LEU A 151 -4.91 -6.43 -25.29
C LEU A 151 -6.05 -5.55 -25.77
N SER A 152 -6.52 -5.78 -27.00
CA SER A 152 -7.62 -4.99 -27.53
C SER A 152 -8.92 -5.19 -26.76
N VAL A 153 -9.14 -6.36 -26.18
CA VAL A 153 -10.33 -6.63 -25.38
C VAL A 153 -10.15 -5.97 -24.01
N ASP A 154 -8.95 -6.07 -23.45
CA ASP A 154 -8.69 -5.48 -22.15
C ASP A 154 -8.85 -3.97 -22.16
N ARG A 155 -8.74 -3.33 -23.33
CA ARG A 155 -8.93 -1.89 -23.44
C ARG A 155 -10.41 -1.54 -23.55
N TYR A 156 -11.15 -2.25 -24.39
CA TYR A 156 -12.59 -2.04 -24.47
C TYR A 156 -13.26 -2.21 -23.11
N VAL A 157 -12.75 -3.13 -22.30
CA VAL A 157 -13.36 -3.41 -21.00
C VAL A 157 -12.67 -2.57 -19.94
N ALA A 158 -11.94 -1.53 -20.39
CA ALA A 158 -11.26 -0.62 -19.48
C ALA A 158 -11.61 0.83 -19.72
N VAL A 159 -12.24 1.18 -20.84
CA VAL A 159 -12.64 2.56 -21.10
C VAL A 159 -14.15 2.62 -21.26
N VAL A 160 -14.75 1.54 -21.73
CA VAL A 160 -16.20 1.47 -21.85
C VAL A 160 -16.84 0.73 -20.68
N HIS A 161 -16.07 -0.07 -19.94
CA HIS A 161 -16.55 -0.77 -18.76
C HIS A 161 -15.56 -0.55 -17.62
N PRO A 162 -15.40 0.70 -17.16
CA PRO A 162 -14.38 1.00 -16.15
C PRO A 162 -14.78 0.70 -14.72
N ILE A 163 -16.00 0.22 -14.47
CA ILE A 163 -16.46 -0.02 -13.10
C ILE A 163 -16.50 -1.51 -12.82
N LYS A 164 -17.35 -2.24 -13.53
CA LYS A 164 -17.50 -3.68 -13.27
C LYS A 164 -16.28 -4.47 -13.72
N ALA A 165 -15.44 -3.89 -14.57
CA ALA A 165 -14.28 -4.61 -15.07
C ALA A 165 -13.19 -4.79 -14.02
N ALA A 166 -13.28 -4.07 -12.90
CA ALA A 166 -12.25 -4.19 -11.87
C ALA A 166 -12.03 -5.64 -11.47
N ARG A 167 -13.11 -6.41 -11.37
CA ARG A 167 -12.99 -7.82 -11.05
C ARG A 167 -12.23 -8.57 -12.13
N TYR A 168 -12.50 -8.25 -13.40
CA TYR A 168 -11.83 -8.93 -14.51
C TYR A 168 -10.38 -8.49 -14.64
N ARG A 169 -10.11 -7.21 -14.43
CA ARG A 169 -8.77 -6.68 -14.62
C ARG A 169 -7.91 -6.89 -13.38
N ARG A 170 -7.48 -8.13 -13.15
CA ARG A 170 -6.60 -8.50 -12.06
C ARG A 170 -5.43 -9.29 -12.60
N PRO A 171 -4.29 -9.28 -11.92
CA PRO A 171 -3.13 -10.02 -12.44
C PRO A 171 -3.41 -11.50 -12.64
N THR A 172 -4.19 -12.12 -11.77
CA THR A 172 -4.49 -13.53 -11.92
C THR A 172 -5.25 -13.79 -13.21
N VAL A 173 -6.22 -12.93 -13.53
CA VAL A 173 -6.98 -13.07 -14.76
C VAL A 173 -6.05 -12.96 -15.96
N ALA A 174 -5.15 -11.99 -15.93
CA ALA A 174 -4.21 -11.82 -17.03
C ALA A 174 -3.33 -13.06 -17.20
N LYS A 175 -2.82 -13.59 -16.09
CA LYS A 175 -1.95 -14.76 -16.18
C LYS A 175 -2.70 -15.98 -16.71
N VAL A 176 -3.92 -16.21 -16.23
CA VAL A 176 -4.67 -17.38 -16.69
C VAL A 176 -5.04 -17.23 -18.15
N VAL A 177 -5.38 -16.01 -18.59
CA VAL A 177 -5.69 -15.81 -20.00
C VAL A 177 -4.44 -16.00 -20.85
N ASN A 178 -3.28 -15.58 -20.36
CA ASN A 178 -2.04 -15.83 -21.08
C ASN A 178 -1.79 -17.33 -21.22
N LEU A 179 -1.95 -18.07 -20.12
CA LEU A 179 -1.77 -19.51 -20.18
C LEU A 179 -2.74 -20.14 -21.16
N GLY A 180 -3.99 -19.67 -21.16
CA GLY A 180 -4.96 -20.17 -22.12
C GLY A 180 -4.58 -19.87 -23.56
N VAL A 181 -4.03 -18.69 -23.80
CA VAL A 181 -3.59 -18.34 -25.15
C VAL A 181 -2.47 -19.27 -25.60
N TRP A 182 -1.48 -19.49 -24.73
CA TRP A 182 -0.40 -20.41 -25.09
C TRP A 182 -0.93 -21.82 -25.33
N VAL A 183 -1.84 -22.29 -24.47
CA VAL A 183 -2.37 -23.63 -24.62
C VAL A 183 -3.14 -23.77 -25.92
N LEU A 184 -3.96 -22.76 -26.25
CA LEU A 184 -4.71 -22.80 -27.50
C LEU A 184 -3.77 -22.78 -28.69
N SER A 185 -2.70 -22.01 -28.61
CA SER A 185 -1.71 -21.97 -29.67
C SER A 185 -1.15 -23.36 -29.88
N LEU A 186 -0.70 -23.99 -28.80
CA LEU A 186 -0.13 -25.32 -28.91
C LEU A 186 -1.13 -26.31 -29.49
N LEU A 187 -2.39 -26.25 -29.04
CA LEU A 187 -3.40 -27.17 -29.53
C LEU A 187 -3.63 -27.00 -31.03
N VAL A 188 -3.63 -25.75 -31.51
CA VAL A 188 -3.91 -25.53 -32.93
C VAL A 188 -2.66 -25.68 -33.80
N ILE A 189 -1.48 -25.76 -33.20
CA ILE A 189 -0.25 -25.91 -33.99
C ILE A 189 0.34 -27.32 -33.91
N LEU A 190 -0.16 -28.18 -33.04
CA LEU A 190 0.35 -29.54 -33.00
C LEU A 190 0.31 -30.23 -34.36
N PRO A 191 -0.74 -30.09 -35.18
CA PRO A 191 -0.76 -30.75 -36.48
C PRO A 191 0.49 -30.53 -37.32
N ILE A 192 1.26 -29.49 -36.99
CA ILE A 192 2.52 -29.23 -37.66
C ILE A 192 3.53 -30.28 -37.22
N VAL A 193 3.73 -30.40 -35.91
CA VAL A 193 4.66 -31.39 -35.39
C VAL A 193 4.26 -32.79 -35.81
N VAL A 194 2.95 -33.09 -35.74
CA VAL A 194 2.46 -34.41 -36.08
C VAL A 194 2.75 -34.76 -37.54
N PHE A 195 2.89 -33.76 -38.40
CA PHE A 195 3.10 -34.01 -39.82
C PHE A 195 4.21 -33.16 -40.43
N SER A 196 5.35 -33.02 -39.75
CA SER A 196 6.48 -32.28 -40.28
C SER A 196 7.70 -33.18 -40.37
N ARG A 197 8.22 -33.35 -41.58
CA ARG A 197 9.42 -34.14 -41.82
C ARG A 197 10.17 -33.53 -42.98
N THR A 198 11.48 -33.78 -43.03
CA THR A 198 12.29 -33.32 -44.15
C THR A 198 11.83 -33.97 -45.44
N ALA A 199 11.72 -33.17 -46.49
CA ALA A 199 11.27 -33.67 -47.78
C ALA A 199 12.43 -34.28 -48.56
N ALA A 207 14.07 -30.17 -47.70
CA ALA A 207 13.12 -29.07 -47.56
C ALA A 207 12.13 -29.35 -46.44
N CYS A 208 12.24 -28.59 -45.35
CA CYS A 208 11.32 -28.75 -44.22
C CYS A 208 9.94 -28.24 -44.60
N ASN A 209 8.94 -29.10 -44.49
CA ASN A 209 7.57 -28.77 -44.89
C ASN A 209 6.62 -29.71 -44.18
N MET A 210 5.35 -29.71 -44.61
CA MET A 210 4.33 -30.60 -44.08
C MET A 210 3.92 -31.58 -45.16
N LEU A 211 3.82 -32.86 -44.80
CA LEU A 211 3.54 -33.95 -45.73
C LEU A 211 2.43 -34.84 -45.19
N MET A 212 1.34 -34.21 -44.74
CA MET A 212 0.21 -34.94 -44.17
C MET A 212 -0.27 -36.01 -45.15
N PRO A 213 -1.05 -37.00 -44.70
CA PRO A 213 -1.40 -38.13 -45.58
C PRO A 213 -2.33 -37.72 -46.71
N GLU A 214 -2.44 -38.58 -47.73
CA GLU A 214 -3.26 -38.27 -48.89
C GLU A 214 -4.73 -38.17 -48.48
N PRO A 215 -5.49 -37.24 -49.06
CA PRO A 215 -5.07 -36.22 -50.05
C PRO A 215 -4.24 -35.12 -49.40
N ALA A 216 -2.96 -35.00 -49.77
CA ALA A 216 -2.11 -33.99 -49.15
C ALA A 216 -2.68 -32.60 -49.36
N GLN A 217 -3.23 -32.33 -50.54
CA GLN A 217 -3.82 -31.02 -50.80
C GLN A 217 -4.97 -30.74 -49.84
N ARG A 218 -5.81 -31.75 -49.57
CA ARG A 218 -6.96 -31.55 -48.70
C ARG A 218 -6.53 -31.16 -47.29
N TRP A 219 -5.61 -31.92 -46.69
CA TRP A 219 -5.11 -31.56 -45.38
C TRP A 219 -4.42 -30.20 -45.40
N LEU A 220 -3.74 -29.87 -46.49
CA LEU A 220 -3.04 -28.62 -46.52
C LEU A 220 -4.02 -27.45 -46.57
N VAL A 221 -5.13 -27.57 -47.30
CA VAL A 221 -6.12 -26.50 -47.28
C VAL A 221 -6.84 -26.47 -45.94
N GLY A 222 -7.10 -27.63 -45.35
CA GLY A 222 -7.75 -27.64 -44.05
C GLY A 222 -6.95 -26.91 -42.99
N PHE A 223 -5.66 -27.20 -42.90
CA PHE A 223 -4.80 -26.48 -41.96
C PHE A 223 -4.68 -25.01 -42.31
N VAL A 224 -4.55 -24.68 -43.60
CA VAL A 224 -4.40 -23.29 -44.00
C VAL A 224 -5.63 -22.48 -43.62
N LEU A 225 -6.81 -23.04 -43.81
CA LEU A 225 -8.04 -22.35 -43.48
C LEU A 225 -8.24 -22.30 -41.98
N TYR A 226 -7.86 -23.36 -41.27
CA TYR A 226 -7.90 -23.35 -39.82
C TYR A 226 -7.08 -22.19 -39.25
N THR A 227 -5.83 -22.07 -39.68
CA THR A 227 -5.00 -20.97 -39.20
C THR A 227 -5.53 -19.63 -39.68
N PHE A 228 -5.91 -19.52 -40.96
CA PHE A 228 -6.49 -18.29 -41.47
C PHE A 228 -7.59 -17.81 -40.54
N LEU A 229 -8.63 -18.63 -40.36
CA LEU A 229 -9.73 -18.22 -39.49
C LEU A 229 -9.21 -17.89 -38.10
N MET A 230 -8.74 -18.91 -37.37
CA MET A 230 -8.51 -18.78 -35.93
C MET A 230 -7.30 -17.91 -35.59
N GLY A 231 -6.64 -17.30 -36.56
CA GLY A 231 -5.54 -16.42 -36.25
C GLY A 231 -5.47 -15.18 -37.11
N PHE A 232 -6.47 -14.93 -37.95
CA PHE A 232 -6.57 -13.65 -38.61
C PHE A 232 -7.97 -13.05 -38.51
N LEU A 233 -9.01 -13.89 -38.60
CA LEU A 233 -10.37 -13.39 -38.71
C LEU A 233 -10.98 -13.08 -37.34
N LEU A 234 -10.98 -14.06 -36.43
CA LEU A 234 -11.43 -13.79 -35.07
C LEU A 234 -10.63 -12.64 -34.44
N PRO A 235 -9.31 -12.57 -34.60
CA PRO A 235 -8.61 -11.36 -34.11
C PRO A 235 -9.06 -10.09 -34.79
N VAL A 236 -9.01 -10.04 -36.13
CA VAL A 236 -9.43 -8.81 -36.82
C VAL A 236 -10.88 -8.48 -36.52
N GLY A 237 -11.75 -9.50 -36.42
CA GLY A 237 -13.13 -9.26 -36.05
C GLY A 237 -13.35 -8.90 -34.60
N ALA A 238 -12.32 -9.09 -33.76
CA ALA A 238 -12.40 -8.73 -32.35
C ALA A 238 -11.40 -7.64 -31.98
N ILE A 239 -10.69 -7.10 -32.98
CA ILE A 239 -9.77 -5.99 -32.76
C ILE A 239 -10.30 -4.76 -33.48
N CYS A 240 -11.04 -4.98 -34.58
CA CYS A 240 -11.73 -3.86 -35.23
C CYS A 240 -12.95 -3.46 -34.42
N LEU A 241 -13.70 -4.43 -33.89
CA LEU A 241 -14.88 -4.11 -33.10
C LEU A 241 -14.50 -3.46 -31.79
N CYS A 242 -13.49 -4.00 -31.10
CA CYS A 242 -13.07 -3.46 -29.81
C CYS A 242 -12.45 -2.08 -29.93
N TYR A 243 -12.13 -1.62 -31.14
CA TYR A 243 -11.57 -0.29 -31.33
C TYR A 243 -12.55 0.69 -31.96
N VAL A 244 -13.60 0.20 -32.63
CA VAL A 244 -14.67 1.09 -33.07
C VAL A 244 -15.63 1.41 -31.94
N LEU A 245 -15.84 0.49 -31.00
CA LEU A 245 -16.65 0.74 -29.81
C LEU A 245 -15.90 1.55 -28.77
N ILE A 246 -14.61 1.79 -28.95
CA ILE A 246 -13.84 2.68 -28.10
C ILE A 246 -13.88 4.11 -28.63
N ILE A 247 -13.80 4.29 -29.94
CA ILE A 247 -13.97 5.61 -30.53
C ILE A 247 -15.37 6.13 -30.28
N ALA A 248 -16.38 5.27 -30.43
CA ALA A 248 -17.76 5.69 -30.21
C ALA A 248 -17.93 6.30 -28.84
N LYS A 249 -17.32 5.68 -27.82
CA LYS A 249 -17.43 6.19 -26.46
C LYS A 249 -16.76 7.55 -26.34
N MET A 250 -15.60 7.72 -27.01
CA MET A 250 -14.93 9.02 -26.98
C MET A 250 -15.72 10.09 -27.73
N ARG A 251 -16.62 9.69 -28.62
CA ARG A 251 -17.44 10.67 -29.31
C ARG A 251 -18.68 11.04 -28.51
N MET A 252 -19.49 10.05 -28.16
CA MET A 252 -20.75 10.33 -27.47
C MET A 252 -20.57 11.14 -26.21
N VAL A 253 -19.42 11.01 -25.56
CA VAL A 253 -19.16 11.69 -24.29
C VAL A 253 -18.30 12.93 -24.46
N ALA A 254 -18.13 13.39 -25.69
CA ALA A 254 -17.35 14.60 -25.98
C ALA A 254 -18.24 15.80 -26.24
N LEU A 255 -19.32 15.61 -27.01
CA LEU A 255 -20.20 16.73 -27.32
C LEU A 255 -20.83 17.32 -26.07
N LYS A 256 -21.11 16.50 -25.07
CA LYS A 256 -21.84 16.91 -23.88
C LYS A 256 -20.93 17.25 -22.71
N ALA A 257 -19.73 17.77 -22.99
CA ALA A 257 -18.81 18.16 -21.93
C ALA A 257 -18.84 19.65 -21.62
N GLY A 258 -19.51 20.45 -22.44
CA GLY A 258 -19.62 21.87 -22.17
C GLY A 258 -18.40 22.69 -22.54
N TRP A 259 -17.38 22.07 -23.10
CA TRP A 259 -16.20 22.78 -23.56
C TRP A 259 -15.75 22.37 -24.95
N GLN A 260 -16.28 21.28 -25.51
CA GLN A 260 -15.75 20.72 -26.74
C GLN A 260 -16.08 21.61 -27.92
N GLN A 261 -15.04 22.21 -28.52
CA GLN A 261 -15.25 22.98 -29.75
C GLN A 261 -15.00 21.95 -30.86
N ARG A 262 -14.18 22.27 -31.86
CA ARG A 262 -13.84 21.26 -32.87
C ARG A 262 -13.33 20.07 -32.09
N LYS A 263 -13.69 18.85 -32.47
CA LYS A 263 -13.29 17.74 -31.63
C LYS A 263 -11.79 17.75 -31.35
N ARG A 264 -11.44 17.58 -30.08
CA ARG A 264 -10.06 17.56 -29.62
C ARG A 264 -9.79 16.27 -28.86
N SER A 265 -8.60 15.70 -29.08
CA SER A 265 -8.18 14.45 -28.45
C SER A 265 -8.89 13.26 -29.09
N GLU A 266 -9.82 13.52 -30.01
CA GLU A 266 -10.34 12.48 -30.89
C GLU A 266 -9.52 12.39 -32.16
N ARG A 267 -8.96 13.52 -32.61
CA ARG A 267 -8.07 13.53 -33.77
C ARG A 267 -6.79 12.75 -33.50
N LYS A 268 -6.49 12.46 -32.23
CA LYS A 268 -5.29 11.74 -31.85
C LYS A 268 -5.53 10.27 -31.56
N ILE A 269 -6.74 9.92 -31.10
CA ILE A 269 -7.10 8.53 -30.84
C ILE A 269 -7.79 7.88 -32.03
N THR A 270 -8.33 8.68 -32.95
CA THR A 270 -8.88 8.16 -34.19
C THR A 270 -7.81 7.88 -35.24
N LEU A 271 -6.65 8.53 -35.14
CA LEU A 271 -5.53 8.25 -36.03
C LEU A 271 -4.60 7.19 -35.47
N MET A 272 -4.48 7.13 -34.14
CA MET A 272 -3.67 6.09 -33.50
C MET A 272 -4.35 4.76 -33.64
N VAL A 273 -5.64 4.70 -33.33
CA VAL A 273 -6.41 3.48 -33.42
C VAL A 273 -6.47 2.94 -34.85
N MET A 274 -6.62 3.83 -35.83
CA MET A 274 -6.58 3.43 -37.23
C MET A 274 -5.17 3.24 -37.74
N MET A 275 -4.20 3.11 -36.83
CA MET A 275 -2.82 2.80 -37.18
C MET A 275 -2.31 1.55 -36.50
N VAL A 276 -2.96 1.09 -35.43
CA VAL A 276 -2.65 -0.20 -34.82
C VAL A 276 -3.40 -1.34 -35.52
N VAL A 277 -4.40 -1.02 -36.33
CA VAL A 277 -5.16 -2.02 -37.07
C VAL A 277 -4.72 -2.14 -38.52
N MET A 278 -4.23 -1.07 -39.11
CA MET A 278 -3.76 -1.13 -40.48
C MET A 278 -2.47 -1.93 -40.54
N VAL A 279 -1.52 -1.63 -39.68
CA VAL A 279 -0.28 -2.38 -39.63
C VAL A 279 -0.57 -3.86 -39.47
N PHE A 280 -1.36 -4.22 -38.48
CA PHE A 280 -1.70 -5.61 -38.22
C PHE A 280 -2.45 -6.25 -39.37
N VAL A 281 -3.35 -5.51 -40.00
CA VAL A 281 -4.16 -6.07 -41.07
C VAL A 281 -3.50 -5.93 -42.44
N ILE A 282 -2.36 -5.24 -42.52
CA ILE A 282 -1.63 -5.14 -43.78
C ILE A 282 -0.37 -5.99 -43.78
N CYS A 283 0.14 -6.37 -42.61
CA CYS A 283 1.29 -7.26 -42.52
C CYS A 283 0.88 -8.72 -42.71
N TRP A 284 -0.34 -9.06 -42.27
CA TRP A 284 -0.81 -10.44 -42.32
C TRP A 284 -1.74 -10.72 -43.50
N MET A 285 -2.42 -9.71 -44.05
CA MET A 285 -3.30 -9.95 -45.19
C MET A 285 -2.55 -10.55 -46.37
N PRO A 286 -1.40 -10.02 -46.79
CA PRO A 286 -0.72 -10.62 -47.94
C PRO A 286 -0.41 -12.10 -47.75
N PHE A 287 0.03 -12.48 -46.55
CA PHE A 287 0.37 -13.88 -46.30
C PHE A 287 -0.86 -14.77 -46.45
N TYR A 288 -1.94 -14.43 -45.75
CA TYR A 288 -3.12 -15.26 -45.70
C TYR A 288 -3.96 -15.18 -46.98
N VAL A 289 -3.69 -14.23 -47.86
CA VAL A 289 -4.35 -14.18 -49.16
C VAL A 289 -3.55 -14.91 -50.22
N VAL A 290 -2.22 -14.72 -50.25
CA VAL A 290 -1.39 -15.46 -51.18
C VAL A 290 -1.43 -16.95 -50.88
N GLN A 291 -1.56 -17.34 -49.61
CA GLN A 291 -1.71 -18.76 -49.30
C GLN A 291 -2.91 -19.35 -50.02
N LEU A 292 -4.07 -18.79 -49.68
CA LEU A 292 -5.33 -19.29 -50.22
C LEU A 292 -5.31 -19.19 -51.71
N VAL A 293 -5.00 -18.00 -52.21
CA VAL A 293 -4.87 -17.86 -53.63
C VAL A 293 -4.10 -19.04 -54.17
N ASN A 294 -2.99 -19.38 -53.55
CA ASN A 294 -2.12 -20.44 -54.09
C ASN A 294 -2.58 -21.85 -53.88
N VAL A 295 -3.46 -22.09 -52.92
CA VAL A 295 -3.97 -23.45 -52.82
C VAL A 295 -5.06 -23.60 -53.82
N PHE A 296 -5.87 -22.57 -53.92
CA PHE A 296 -7.07 -22.67 -54.76
C PHE A 296 -6.78 -22.23 -56.18
N ALA A 297 -5.53 -21.80 -56.43
CA ALA A 297 -5.12 -21.39 -57.78
C ALA A 297 -3.64 -21.71 -58.03
N GLU A 298 -2.71 -20.99 -57.38
CA GLU A 298 -1.26 -21.27 -57.50
C GLU A 298 -0.55 -20.61 -58.69
N GLN A 299 0.79 -20.65 -58.70
CA GLN A 299 1.57 -20.03 -59.79
C GLN A 299 3.04 -20.51 -59.84
N ASP A 300 3.85 -19.92 -60.72
CA ASP A 300 5.27 -20.33 -60.88
C ASP A 300 6.25 -19.17 -60.75
N ASP A 301 7.56 -19.44 -60.63
CA ASP A 301 8.56 -18.39 -60.41
C ASP A 301 8.51 -17.95 -58.94
N ALA A 302 7.32 -17.65 -58.40
CA ALA A 302 7.21 -17.35 -56.97
C ALA A 302 8.15 -16.24 -56.49
N THR A 303 8.66 -16.34 -55.26
CA THR A 303 9.50 -15.29 -54.65
C THR A 303 8.62 -14.22 -54.04
N VAL A 304 7.35 -14.20 -54.42
CA VAL A 304 6.45 -13.28 -53.78
C VAL A 304 6.26 -13.82 -52.40
N SER A 305 6.37 -15.14 -52.23
CA SER A 305 6.30 -15.72 -50.90
C SER A 305 7.36 -15.13 -49.98
N GLN A 306 8.54 -14.81 -50.50
CA GLN A 306 9.55 -14.16 -49.67
C GLN A 306 9.05 -12.82 -49.15
N LEU A 307 8.42 -12.04 -50.03
CA LEU A 307 7.88 -10.75 -49.63
C LEU A 307 6.79 -10.92 -48.60
N SER A 308 5.90 -11.87 -48.83
CA SER A 308 4.80 -12.10 -47.90
C SER A 308 5.33 -12.50 -46.53
N VAL A 309 6.32 -13.40 -46.49
CA VAL A 309 6.84 -13.87 -45.23
C VAL A 309 7.55 -12.75 -44.48
N ILE A 310 8.33 -11.94 -45.20
CA ILE A 310 9.05 -10.86 -44.54
C ILE A 310 8.03 -9.89 -43.96
N LEU A 311 6.94 -9.62 -44.69
CA LEU A 311 5.89 -8.77 -44.15
C LEU A 311 5.29 -9.39 -42.89
N GLY A 312 5.04 -10.70 -42.91
CA GLY A 312 4.48 -11.35 -41.75
C GLY A 312 5.35 -11.22 -40.52
N TYR A 313 6.67 -11.27 -40.71
CA TYR A 313 7.63 -11.12 -39.62
C TYR A 313 7.86 -9.66 -39.25
N ALA A 314 7.47 -8.72 -40.11
CA ALA A 314 7.67 -7.30 -39.83
C ALA A 314 6.69 -6.77 -38.81
N ASN A 315 5.48 -7.33 -38.76
CA ASN A 315 4.51 -6.90 -37.76
C ASN A 315 5.04 -7.12 -36.35
N SER A 316 5.93 -8.10 -36.18
CA SER A 316 6.57 -8.37 -34.90
C SER A 316 7.82 -7.53 -34.68
N CYS A 317 8.04 -6.50 -35.49
CA CYS A 317 9.16 -5.59 -35.26
C CYS A 317 8.60 -4.22 -34.87
N ALA A 318 7.37 -3.92 -35.30
CA ALA A 318 6.72 -2.66 -34.99
C ALA A 318 5.84 -2.74 -33.76
N ASN A 319 5.63 -3.92 -33.19
CA ASN A 319 4.77 -4.07 -32.03
C ASN A 319 5.29 -3.25 -30.86
N PRO A 320 6.59 -3.29 -30.56
CA PRO A 320 7.12 -2.41 -29.50
C PRO A 320 6.85 -0.94 -29.75
N ILE A 321 6.84 -0.50 -31.01
CA ILE A 321 6.60 0.90 -31.30
C ILE A 321 5.14 1.29 -31.06
N LEU A 322 4.27 0.30 -30.90
CA LEU A 322 2.84 0.57 -30.67
C LEU A 322 2.45 0.31 -29.23
N TYR A 323 2.62 -0.92 -28.77
CA TYR A 323 2.26 -1.30 -27.41
C TYR A 323 3.40 -1.09 -26.42
N GLY A 324 4.52 -0.53 -26.88
CA GLY A 324 5.68 -0.31 -26.04
C GLY A 324 5.95 1.15 -25.78
N PHE A 325 6.89 1.72 -26.55
CA PHE A 325 7.37 3.08 -26.28
C PHE A 325 6.27 4.11 -26.17
N LEU A 326 5.05 3.79 -26.60
CA LEU A 326 3.93 4.71 -26.52
C LEU A 326 3.13 4.57 -25.23
N SER A 327 3.57 3.73 -24.30
CA SER A 327 2.90 3.54 -23.02
C SER A 327 3.55 4.41 -21.96
N ASP A 328 2.72 5.02 -21.10
CA ASP A 328 3.23 5.96 -20.12
C ASP A 328 4.34 5.35 -19.26
N ASN A 329 4.10 4.16 -18.72
CA ASN A 329 5.12 3.49 -17.92
C ASN A 329 6.35 3.21 -18.77
N PHE A 330 6.14 2.78 -20.01
CA PHE A 330 7.27 2.55 -20.91
C PHE A 330 8.03 3.84 -21.17
N LYS A 331 7.32 4.94 -21.40
CA LYS A 331 7.99 6.22 -21.62
C LYS A 331 8.85 6.60 -20.43
N ARG A 332 8.27 6.53 -19.22
CA ARG A 332 9.01 6.91 -18.03
C ARG A 332 10.24 6.02 -17.83
N SER A 333 10.04 4.70 -17.93
CA SER A 333 11.15 3.79 -17.68
C SER A 333 12.25 3.92 -18.73
N PHE A 334 11.90 4.17 -19.99
CA PHE A 334 12.91 4.41 -21.01
C PHE A 334 13.61 5.74 -20.81
N GLN A 335 12.90 6.73 -20.25
CA GLN A 335 13.57 7.98 -19.89
C GLN A 335 14.55 7.77 -18.75
N ARG A 336 14.26 6.83 -17.84
CA ARG A 336 15.18 6.54 -16.76
C ARG A 336 16.53 6.08 -17.30
N ILE A 337 16.51 5.20 -18.29
CA ILE A 337 17.75 4.72 -18.92
C ILE A 337 18.16 5.69 -20.02
N VAL B 1 -17.17 -13.36 25.49
CA VAL B 1 -17.73 -14.02 24.32
C VAL B 1 -18.63 -15.18 24.69
N GLN B 2 -19.42 -15.67 23.75
CA GLN B 2 -20.26 -16.84 23.99
C GLN B 2 -20.13 -17.79 22.81
N LEU B 3 -19.98 -19.08 23.13
CA LEU B 3 -19.99 -20.14 22.13
C LEU B 3 -20.92 -21.23 22.66
N VAL B 4 -22.18 -21.17 22.28
CA VAL B 4 -23.18 -22.15 22.72
C VAL B 4 -23.19 -23.30 21.73
N GLU B 5 -23.49 -24.49 22.21
CA GLU B 5 -23.47 -25.70 21.40
C GLU B 5 -24.76 -26.48 21.58
N SER B 6 -25.30 -26.97 20.46
CA SER B 6 -26.55 -27.72 20.46
C SER B 6 -26.45 -28.86 19.46
N GLY B 7 -27.37 -29.82 19.59
CA GLY B 7 -27.46 -30.95 18.70
C GLY B 7 -27.18 -32.28 19.37
N GLY B 8 -26.42 -32.27 20.47
CA GLY B 8 -26.11 -33.49 21.17
C GLY B 8 -27.35 -34.28 21.55
N GLY B 9 -27.16 -35.55 21.89
CA GLY B 9 -28.29 -36.39 22.27
C GLY B 9 -27.96 -37.86 22.20
N LEU B 10 -28.99 -38.68 22.00
CA LEU B 10 -28.84 -40.14 21.95
C LEU B 10 -29.24 -40.60 20.56
N VAL B 11 -28.31 -41.29 19.89
CA VAL B 11 -28.58 -41.84 18.56
C VAL B 11 -28.14 -43.28 18.54
N GLN B 12 -28.60 -44.04 17.56
CA GLN B 12 -28.20 -45.43 17.42
C GLN B 12 -26.88 -45.53 16.66
N PRO B 13 -26.11 -46.58 16.89
CA PRO B 13 -24.83 -46.72 16.18
C PRO B 13 -25.05 -46.78 14.68
N GLY B 14 -24.14 -46.15 13.94
CA GLY B 14 -24.19 -46.10 12.50
C GLY B 14 -25.04 -44.97 11.94
N GLY B 15 -25.74 -44.23 12.80
CA GLY B 15 -26.59 -43.16 12.35
C GLY B 15 -25.80 -41.92 11.99
N SER B 16 -26.53 -40.81 11.84
CA SER B 16 -25.94 -39.53 11.50
C SER B 16 -26.52 -38.47 12.42
N ARG B 17 -25.75 -37.40 12.61
CA ARG B 17 -26.15 -36.35 13.54
C ARG B 17 -25.36 -35.08 13.23
N LYS B 18 -26.00 -33.94 13.48
CA LYS B 18 -25.38 -32.64 13.24
C LYS B 18 -25.28 -31.86 14.54
N LEU B 19 -24.10 -31.29 14.77
CA LEU B 19 -23.84 -30.44 15.92
C LEU B 19 -23.66 -29.01 15.45
N SER B 20 -24.34 -28.08 16.13
CA SER B 20 -24.30 -26.67 15.78
C SER B 20 -23.65 -25.89 16.91
N CYS B 21 -22.93 -24.84 16.54
CA CYS B 21 -22.23 -23.97 17.46
C CYS B 21 -22.53 -22.52 17.11
N SER B 22 -23.22 -21.84 18.02
CA SER B 22 -23.63 -20.45 17.83
C SER B 22 -22.65 -19.55 18.55
N ALA B 23 -22.04 -18.63 17.81
CA ALA B 23 -21.07 -17.69 18.35
C ALA B 23 -21.71 -16.32 18.49
N SER B 24 -21.40 -15.64 19.60
CA SER B 24 -21.97 -14.32 19.84
C SER B 24 -20.99 -13.53 20.71
N GLY B 25 -20.54 -12.38 20.20
CA GLY B 25 -19.70 -11.50 20.99
C GLY B 25 -18.28 -11.40 20.49
N PHE B 26 -18.03 -11.96 19.31
CA PHE B 26 -16.71 -11.83 18.71
C PHE B 26 -16.78 -11.94 17.20
N ALA B 27 -15.73 -11.48 16.53
CA ALA B 27 -15.65 -11.50 15.07
C ALA B 27 -15.47 -12.91 14.58
N PHE B 28 -16.56 -13.67 14.51
CA PHE B 28 -16.51 -15.07 14.13
C PHE B 28 -15.71 -15.29 12.85
N SER B 29 -15.89 -14.41 11.86
CA SER B 29 -15.28 -14.64 10.56
C SER B 29 -13.76 -14.59 10.59
N SER B 30 -13.16 -13.90 11.57
CA SER B 30 -11.72 -13.76 11.65
C SER B 30 -11.09 -14.74 12.64
N PHE B 31 -11.79 -15.83 12.93
CA PHE B 31 -11.40 -16.78 13.97
C PHE B 31 -11.40 -18.17 13.38
N GLY B 32 -10.28 -18.88 13.52
CA GLY B 32 -10.29 -20.30 13.26
C GLY B 32 -11.06 -21.04 14.33
N MET B 33 -11.74 -22.11 13.91
CA MET B 33 -12.60 -22.85 14.83
C MET B 33 -12.20 -24.31 14.84
N HIS B 34 -12.17 -24.89 16.03
CA HIS B 34 -11.83 -26.28 16.25
C HIS B 34 -13.01 -26.99 16.89
N TRP B 35 -13.06 -28.31 16.71
CA TRP B 35 -14.02 -29.16 17.41
C TRP B 35 -13.18 -30.12 18.26
N VAL B 36 -13.26 -29.96 19.57
CA VAL B 36 -12.55 -30.87 20.47
C VAL B 36 -13.57 -31.82 21.08
N ARG B 37 -13.10 -32.96 21.55
CA ARG B 37 -13.98 -34.00 22.08
C ARG B 37 -13.41 -34.53 23.38
N GLN B 38 -14.29 -34.91 24.29
CA GLN B 38 -13.87 -35.46 25.57
C GLN B 38 -14.77 -36.63 25.92
N ALA B 39 -14.18 -37.82 25.99
CA ALA B 39 -14.94 -39.01 26.36
C ALA B 39 -15.45 -38.84 27.77
N PRO B 40 -16.40 -39.69 28.18
CA PRO B 40 -17.02 -39.48 29.51
C PRO B 40 -16.02 -39.26 30.64
N GLU B 41 -15.00 -40.09 30.76
CA GLU B 41 -14.04 -39.99 31.85
C GLU B 41 -12.61 -40.09 31.33
N LYS B 42 -12.42 -39.57 30.13
CA LYS B 42 -11.10 -39.58 29.51
C LYS B 42 -10.68 -38.17 29.17
N GLY B 43 -9.56 -38.01 28.46
CA GLY B 43 -9.03 -36.70 28.16
C GLY B 43 -9.57 -36.14 26.86
N LEU B 44 -8.95 -35.04 26.45
CA LEU B 44 -9.37 -34.29 25.27
C LEU B 44 -8.70 -34.84 24.02
N GLU B 45 -9.40 -34.76 22.90
CA GLU B 45 -8.88 -35.13 21.60
C GLU B 45 -9.42 -34.15 20.56
N TRP B 46 -8.51 -33.54 19.81
CA TRP B 46 -8.90 -32.59 18.77
C TRP B 46 -9.53 -33.34 17.60
N VAL B 47 -10.66 -32.83 17.12
CA VAL B 47 -11.46 -33.54 16.12
C VAL B 47 -11.42 -32.89 14.75
N ALA B 48 -11.46 -31.57 14.62
CA ALA B 48 -11.48 -30.94 13.30
C ALA B 48 -11.15 -29.48 13.46
N TYR B 49 -10.80 -28.85 12.34
CA TYR B 49 -10.39 -27.45 12.32
C TYR B 49 -10.77 -26.85 10.98
N ILE B 50 -11.40 -25.68 11.00
CA ILE B 50 -11.69 -24.92 9.78
C ILE B 50 -11.18 -23.51 9.98
N SER B 51 -10.38 -23.04 9.03
CA SER B 51 -9.70 -21.76 9.11
C SER B 51 -10.69 -20.61 8.93
N SER B 52 -10.20 -19.40 9.17
CA SER B 52 -10.99 -18.22 8.86
C SER B 52 -11.05 -18.03 7.35
N GLY B 53 -12.26 -17.83 6.84
CA GLY B 53 -12.48 -17.87 5.42
C GLY B 53 -12.72 -19.26 4.86
N SER B 54 -12.62 -20.30 5.68
CA SER B 54 -12.91 -21.68 5.35
C SER B 54 -11.96 -22.26 4.33
N GLY B 55 -10.79 -21.64 4.10
CA GLY B 55 -9.89 -22.08 3.06
C GLY B 55 -8.94 -23.18 3.49
N THR B 56 -9.15 -23.72 4.70
CA THR B 56 -8.30 -24.77 5.21
C THR B 56 -9.08 -25.62 6.21
N ILE B 57 -9.11 -26.93 5.99
CA ILE B 57 -9.84 -27.84 6.87
C ILE B 57 -8.92 -29.01 7.20
N TYR B 58 -8.90 -29.37 8.48
CA TYR B 58 -8.12 -30.49 8.98
C TYR B 58 -9.02 -31.42 9.78
N TYR B 59 -8.68 -32.71 9.76
CA TYR B 59 -9.48 -33.71 10.46
C TYR B 59 -8.53 -34.64 11.20
N ALA B 60 -9.01 -35.20 12.31
CA ALA B 60 -8.30 -36.27 12.98
C ALA B 60 -8.34 -37.52 12.12
N ASP B 61 -7.33 -38.36 12.27
CA ASP B 61 -7.30 -39.61 11.51
C ASP B 61 -8.45 -40.53 11.88
N THR B 62 -9.12 -40.29 13.00
CA THR B 62 -10.21 -41.13 13.45
C THR B 62 -11.57 -40.70 12.90
N VAL B 63 -11.63 -39.57 12.20
CA VAL B 63 -12.91 -39.02 11.79
C VAL B 63 -12.92 -38.67 10.30
N LYS B 64 -11.76 -38.83 9.63
CA LYS B 64 -11.68 -38.50 8.23
C LYS B 64 -12.69 -39.31 7.43
N GLY B 65 -13.41 -38.63 6.54
CA GLY B 65 -14.37 -39.29 5.67
C GLY B 65 -15.79 -39.21 6.15
N ARG B 66 -15.99 -39.32 7.47
CA ARG B 66 -17.32 -39.38 8.03
C ARG B 66 -17.72 -38.15 8.85
N PHE B 67 -16.76 -37.29 9.15
CA PHE B 67 -17.04 -36.04 9.83
C PHE B 67 -16.75 -34.88 8.91
N THR B 68 -17.68 -33.94 8.77
CA THR B 68 -17.51 -32.76 7.95
C THR B 68 -17.67 -31.53 8.81
N ILE B 69 -16.72 -30.61 8.74
CA ILE B 69 -16.78 -29.36 9.49
C ILE B 69 -17.15 -28.24 8.53
N SER B 70 -18.22 -27.53 8.88
CA SER B 70 -18.71 -26.45 8.03
C SER B 70 -18.70 -25.16 8.81
N ARG B 71 -19.00 -24.06 8.14
CA ARG B 71 -18.94 -22.75 8.76
C ARG B 71 -19.85 -21.77 8.03
N ASP B 72 -20.84 -21.24 8.74
CA ASP B 72 -21.75 -20.23 8.21
C ASP B 72 -21.36 -18.90 8.85
N ASP B 73 -20.45 -18.18 8.19
CA ASP B 73 -19.96 -16.92 8.74
C ASP B 73 -21.04 -15.86 8.85
N PRO B 74 -21.89 -15.64 7.83
CA PRO B 74 -22.89 -14.56 7.96
C PRO B 74 -23.78 -14.69 9.17
N LYS B 75 -24.17 -15.91 9.55
CA LYS B 75 -25.00 -16.13 10.73
C LYS B 75 -24.20 -16.61 11.92
N ASN B 76 -22.87 -16.60 11.84
CA ASN B 76 -21.99 -16.90 12.96
C ASN B 76 -22.30 -18.27 13.56
N THR B 77 -22.07 -19.30 12.73
CA THR B 77 -22.36 -20.66 13.15
C THR B 77 -21.27 -21.61 12.66
N LEU B 78 -21.03 -22.66 13.43
CA LEU B 78 -20.13 -23.74 13.08
C LEU B 78 -20.89 -25.05 13.13
N PHE B 79 -20.59 -25.94 12.18
CA PHE B 79 -21.33 -27.19 12.06
C PHE B 79 -20.38 -28.35 12.03
N LEU B 80 -20.81 -29.47 12.63
CA LEU B 80 -20.12 -30.74 12.52
C LEU B 80 -21.14 -31.80 12.14
N GLN B 81 -21.05 -32.29 10.91
CA GLN B 81 -21.92 -33.36 10.42
C GLN B 81 -21.20 -34.68 10.59
N MET B 82 -21.83 -35.62 11.29
CA MET B 82 -21.24 -36.92 11.59
C MET B 82 -22.09 -38.01 10.97
N THR B 83 -21.43 -38.93 10.28
CA THR B 83 -22.08 -40.07 9.65
C THR B 83 -21.39 -41.35 10.10
N SER B 84 -22.15 -42.45 10.12
CA SER B 84 -21.65 -43.75 10.53
C SER B 84 -21.01 -43.66 11.93
N LEU B 85 -21.81 -43.20 12.88
CA LEU B 85 -21.34 -43.04 14.25
C LEU B 85 -21.06 -44.40 14.88
N ARG B 86 -20.15 -44.41 15.84
CA ARG B 86 -19.78 -45.61 16.56
C ARG B 86 -19.79 -45.31 18.06
N SER B 87 -19.59 -46.34 18.87
CA SER B 87 -19.50 -46.16 20.32
C SER B 87 -18.32 -45.32 20.72
N GLU B 88 -17.27 -45.27 19.90
CA GLU B 88 -16.10 -44.43 20.20
C GLU B 88 -16.40 -42.95 20.04
N ASP B 89 -17.56 -42.59 19.48
CA ASP B 89 -17.91 -41.19 19.26
C ASP B 89 -18.72 -40.60 20.40
N THR B 90 -19.03 -41.39 21.42
CA THR B 90 -19.77 -40.92 22.59
C THR B 90 -18.84 -40.03 23.41
N ALA B 91 -19.20 -38.76 23.54
CA ALA B 91 -18.34 -37.80 24.22
C ALA B 91 -19.04 -36.46 24.27
N MET B 92 -18.42 -35.51 24.96
CA MET B 92 -18.84 -34.11 24.96
C MET B 92 -17.98 -33.35 23.96
N TYR B 93 -18.62 -32.66 23.03
CA TYR B 93 -17.94 -31.93 21.98
C TYR B 93 -17.92 -30.44 22.33
N TYR B 94 -16.74 -29.84 22.17
CA TYR B 94 -16.49 -28.45 22.53
C TYR B 94 -16.17 -27.66 21.28
N CYS B 95 -16.74 -26.46 21.19
CA CYS B 95 -16.40 -25.48 20.18
C CYS B 95 -15.29 -24.58 20.71
N VAL B 96 -14.22 -24.43 19.92
CA VAL B 96 -13.08 -23.65 20.36
C VAL B 96 -12.63 -22.59 19.37
N ARG B 97 -12.30 -21.42 19.87
CA ARG B 97 -11.82 -20.29 19.08
C ARG B 97 -10.33 -20.46 18.80
N SER B 98 -9.87 -19.80 17.73
CA SER B 98 -8.44 -19.71 17.46
C SER B 98 -8.15 -18.64 16.41
N ILE B 99 -7.31 -17.67 16.76
CA ILE B 99 -6.88 -16.68 15.79
C ILE B 99 -5.39 -16.88 15.68
N TYR B 100 -4.83 -16.70 14.49
CA TYR B 100 -3.41 -16.93 14.24
C TYR B 100 -2.83 -15.70 13.58
N TYR B 101 -2.06 -14.93 14.35
CA TYR B 101 -1.21 -13.86 13.85
C TYR B 101 -0.09 -13.69 14.85
N TYR B 102 0.91 -12.89 14.49
CA TYR B 102 2.08 -12.76 15.35
C TYR B 102 1.67 -12.30 16.74
N GLY B 103 1.84 -13.17 17.74
CA GLY B 103 1.53 -12.82 19.11
C GLY B 103 0.11 -13.11 19.55
N SER B 104 -0.69 -13.79 18.74
CA SER B 104 -2.07 -14.09 19.10
C SER B 104 -2.09 -15.17 20.18
N SER B 105 -3.28 -15.51 20.65
CA SER B 105 -3.46 -16.51 21.69
C SER B 105 -4.50 -17.54 21.25
N PRO B 106 -4.11 -18.55 20.48
CA PRO B 106 -5.09 -19.55 20.03
C PRO B 106 -5.72 -20.33 21.18
N PHE B 107 -6.90 -20.89 20.94
CA PHE B 107 -7.60 -21.70 21.92
C PHE B 107 -7.90 -20.91 23.19
N ASP B 108 -8.16 -19.61 22.99
CA ASP B 108 -8.38 -18.71 24.12
C ASP B 108 -9.77 -18.84 24.73
N PHE B 109 -10.74 -19.36 23.99
CA PHE B 109 -12.10 -19.48 24.52
C PHE B 109 -12.71 -20.79 24.04
N TRP B 110 -13.29 -21.54 24.96
CA TRP B 110 -13.96 -22.80 24.67
C TRP B 110 -15.45 -22.66 24.95
N GLY B 111 -16.24 -23.46 24.26
CA GLY B 111 -17.67 -23.52 24.51
C GLY B 111 -17.98 -24.45 25.67
N GLN B 112 -19.26 -24.58 26.00
CA GLN B 112 -19.70 -25.48 27.04
C GLN B 112 -19.87 -26.91 26.56
N GLY B 113 -20.21 -27.11 25.29
CA GLY B 113 -20.18 -28.41 24.66
C GLY B 113 -21.51 -29.14 24.74
N THR B 114 -21.66 -30.09 23.83
CA THR B 114 -22.86 -30.92 23.74
C THR B 114 -22.49 -32.39 23.93
N THR B 115 -23.34 -33.10 24.65
CA THR B 115 -23.15 -34.51 24.95
C THR B 115 -23.77 -35.36 23.84
N LEU B 116 -22.97 -36.26 23.28
CA LEU B 116 -23.43 -37.25 22.32
C LEU B 116 -23.18 -38.63 22.93
N THR B 117 -24.20 -39.48 22.88
CA THR B 117 -24.08 -40.84 23.36
C THR B 117 -24.73 -41.79 22.35
N VAL B 118 -24.22 -43.02 22.32
CA VAL B 118 -24.73 -44.04 21.41
C VAL B 118 -24.70 -45.38 22.12
N SER B 119 -25.59 -46.27 21.72
CA SER B 119 -25.69 -47.59 22.31
C SER B 119 -24.57 -48.49 21.78
N SER B 120 -24.29 -49.57 22.51
CA SER B 120 -23.26 -50.52 22.12
C SER B 120 -23.78 -51.46 21.02
N SER B 135 3.13 -41.33 13.43
CA SER B 135 3.74 -40.05 13.04
C SER B 135 3.24 -38.92 13.93
N ASP B 136 2.06 -39.11 14.52
CA ASP B 136 1.46 -38.09 15.37
C ASP B 136 2.30 -37.90 16.62
N ILE B 137 2.44 -36.64 17.03
CA ILE B 137 3.18 -36.35 18.25
C ILE B 137 2.42 -36.90 19.45
N VAL B 138 3.15 -37.47 20.39
CA VAL B 138 2.58 -38.04 21.61
C VAL B 138 3.06 -37.21 22.78
N MET B 139 2.12 -36.70 23.56
CA MET B 139 2.42 -35.89 24.74
C MET B 139 2.14 -36.74 25.97
N THR B 140 3.19 -36.98 26.77
CA THR B 140 3.11 -37.86 27.92
C THR B 140 2.97 -37.01 29.18
N GLN B 141 1.87 -37.22 29.89
CA GLN B 141 1.60 -36.55 31.16
C GLN B 141 1.41 -37.67 32.18
N ALA B 142 2.51 -38.15 32.73
CA ALA B 142 2.50 -39.39 33.49
C ALA B 142 1.62 -39.28 34.73
N THR B 143 1.74 -38.18 35.47
CA THR B 143 0.98 -38.03 36.70
C THR B 143 -0.51 -37.99 36.39
N SER B 144 -1.28 -38.65 37.25
CA SER B 144 -2.74 -38.69 37.10
C SER B 144 -3.44 -38.22 38.37
N SER B 145 -2.71 -37.84 39.40
CA SER B 145 -3.30 -37.35 40.64
C SER B 145 -2.19 -36.76 41.48
N VAL B 146 -2.50 -35.66 42.17
CA VAL B 146 -1.51 -34.96 42.97
C VAL B 146 -2.21 -34.30 44.16
N PRO B 147 -2.10 -34.85 45.38
CA PRO B 147 -2.71 -34.18 46.53
C PRO B 147 -1.94 -32.93 46.90
N VAL B 148 -2.68 -31.85 47.17
CA VAL B 148 -2.08 -30.57 47.50
C VAL B 148 -2.90 -29.89 48.58
N THR B 149 -2.33 -28.86 49.20
CA THR B 149 -3.00 -28.06 50.21
C THR B 149 -2.85 -26.61 49.78
N PRO B 150 -3.83 -25.74 50.05
CA PRO B 150 -3.71 -24.34 49.61
C PRO B 150 -2.43 -23.69 50.11
N GLY B 151 -1.79 -22.90 49.26
CA GLY B 151 -0.53 -22.25 49.57
C GLY B 151 0.69 -22.99 49.10
N GLU B 152 0.57 -24.28 48.80
CA GLU B 152 1.71 -25.06 48.33
C GLU B 152 1.99 -24.74 46.86
N SER B 153 3.27 -24.87 46.47
CA SER B 153 3.70 -24.65 45.10
C SER B 153 3.86 -26.00 44.43
N VAL B 154 3.12 -26.21 43.34
CA VAL B 154 3.13 -27.49 42.62
C VAL B 154 3.60 -27.23 41.20
N SER B 155 4.28 -28.23 40.63
CA SER B 155 4.77 -28.16 39.26
C SER B 155 4.26 -29.37 38.51
N ILE B 156 3.43 -29.14 37.49
CA ILE B 156 2.93 -30.20 36.63
C ILE B 156 3.89 -30.36 35.46
N SER B 157 4.17 -31.61 35.09
CA SER B 157 5.16 -31.93 34.08
C SER B 157 4.50 -32.50 32.84
N CYS B 158 5.06 -32.17 31.68
CA CYS B 158 4.61 -32.70 30.39
C CYS B 158 5.84 -33.08 29.58
N ARG B 159 5.70 -34.11 28.76
CA ARG B 159 6.77 -34.58 27.90
C ARG B 159 6.20 -34.95 26.54
N SER B 160 6.89 -34.55 25.49
CA SER B 160 6.47 -34.83 24.13
C SER B 160 7.45 -35.83 23.49
N SER B 161 6.98 -36.49 22.44
CA SER B 161 7.76 -37.46 21.71
C SER B 161 8.63 -36.81 20.64
N LYS B 162 8.55 -35.50 20.49
CA LYS B 162 9.28 -34.78 19.47
C LYS B 162 9.42 -33.33 19.92
N SER B 163 10.56 -32.73 19.60
CA SER B 163 10.84 -31.38 20.06
C SER B 163 9.82 -30.41 19.50
N LEU B 164 9.15 -29.68 20.40
CA LEU B 164 8.14 -28.71 19.99
C LEU B 164 8.76 -27.39 19.57
N LEU B 165 10.04 -27.18 19.84
CA LEU B 165 10.71 -25.95 19.43
C LEU B 165 10.86 -25.91 17.91
N HIS B 166 10.30 -24.86 17.30
CA HIS B 166 10.43 -24.67 15.87
C HIS B 166 11.67 -23.83 15.56
N SER B 167 12.10 -23.87 14.30
CA SER B 167 13.27 -23.11 13.89
C SER B 167 13.04 -21.60 13.98
N ASN B 168 11.80 -21.16 14.13
CA ASN B 168 11.51 -19.73 14.28
C ASN B 168 11.57 -19.28 15.72
N GLY B 169 11.92 -20.15 16.65
CA GLY B 169 12.07 -19.78 18.05
C GLY B 169 10.86 -20.03 18.92
N ASN B 170 9.75 -20.48 18.34
CA ASN B 170 8.53 -20.73 19.09
C ASN B 170 8.50 -22.18 19.58
N THR B 171 8.05 -22.36 20.82
CA THR B 171 7.85 -23.68 21.40
C THR B 171 6.34 -23.85 21.55
N TYR B 172 5.73 -24.55 20.59
CA TYR B 172 4.27 -24.60 20.48
C TYR B 172 3.69 -25.58 21.49
N LEU B 173 3.67 -25.16 22.75
CA LEU B 173 3.06 -25.91 23.83
C LEU B 173 1.99 -25.06 24.50
N TYR B 174 0.84 -25.68 24.75
CA TYR B 174 -0.31 -25.02 25.35
C TYR B 174 -0.75 -25.81 26.58
N TRP B 175 -1.17 -25.07 27.60
CA TRP B 175 -1.64 -25.63 28.85
C TRP B 175 -3.09 -25.22 29.07
N PHE B 176 -3.93 -26.16 29.44
CA PHE B 176 -5.33 -25.90 29.72
C PHE B 176 -5.67 -26.36 31.13
N LEU B 177 -6.76 -25.84 31.68
CA LEU B 177 -7.25 -26.26 32.98
C LEU B 177 -8.76 -26.45 32.87
N GLN B 178 -9.24 -27.57 33.42
CA GLN B 178 -10.66 -27.88 33.34
C GLN B 178 -11.15 -28.21 34.74
N ARG B 179 -11.80 -27.25 35.39
CA ARG B 179 -12.37 -27.49 36.70
C ARG B 179 -13.59 -28.41 36.58
N PRO B 180 -13.98 -29.06 37.67
CA PRO B 180 -15.08 -30.02 37.59
C PRO B 180 -16.35 -29.38 37.08
N GLY B 181 -17.07 -30.11 36.22
CA GLY B 181 -18.30 -29.60 35.64
C GLY B 181 -18.12 -28.32 34.88
N GLN B 182 -17.02 -28.18 34.13
CA GLN B 182 -16.71 -26.96 33.41
C GLN B 182 -16.02 -27.34 32.11
N SER B 183 -15.62 -26.33 31.35
CA SER B 183 -14.92 -26.51 30.09
C SER B 183 -13.48 -26.06 30.25
N PRO B 184 -12.57 -26.58 29.43
CA PRO B 184 -11.15 -26.21 29.58
C PRO B 184 -10.95 -24.72 29.40
N GLN B 185 -9.94 -24.22 30.12
CA GLN B 185 -9.65 -22.78 30.14
C GLN B 185 -8.16 -22.61 29.91
N LEU B 186 -7.81 -21.97 28.80
CA LEU B 186 -6.41 -21.77 28.46
C LEU B 186 -5.68 -21.04 29.58
N LEU B 187 -4.51 -21.54 29.93
CA LEU B 187 -3.62 -20.90 30.88
C LEU B 187 -2.36 -20.36 30.24
N ILE B 188 -1.68 -21.16 29.44
CA ILE B 188 -0.40 -20.79 28.85
C ILE B 188 -0.40 -21.21 27.39
N TYR B 189 0.12 -20.33 26.53
CA TYR B 189 0.26 -20.64 25.11
C TYR B 189 1.71 -20.46 24.71
N ARG B 190 2.24 -21.44 23.98
CA ARG B 190 3.63 -21.48 23.55
C ARG B 190 4.59 -21.62 24.74
N MET B 191 4.10 -22.20 25.83
CA MET B 191 4.93 -22.71 26.92
C MET B 191 5.53 -21.64 27.82
N SER B 192 5.40 -20.36 27.46
CA SER B 192 5.87 -19.31 28.35
C SER B 192 4.80 -18.24 28.55
N ASN B 193 4.06 -17.94 27.49
CA ASN B 193 3.13 -16.82 27.51
C ASN B 193 1.89 -17.14 28.34
N LEU B 194 1.53 -16.20 29.19
CA LEU B 194 0.41 -16.35 30.12
C LEU B 194 -0.83 -15.71 29.52
N ALA B 195 -1.91 -16.47 29.45
CA ALA B 195 -3.13 -16.01 28.80
C ALA B 195 -3.69 -14.81 29.57
N SER B 196 -4.71 -14.16 29.01
CA SER B 196 -5.33 -12.99 29.64
C SER B 196 -6.52 -13.48 30.45
N GLY B 197 -6.55 -13.11 31.73
CA GLY B 197 -7.60 -13.55 32.62
C GLY B 197 -7.13 -14.59 33.62
N VAL B 198 -5.83 -14.86 33.63
CA VAL B 198 -5.25 -15.79 34.60
C VAL B 198 -4.15 -15.07 35.35
N PRO B 199 -4.02 -15.33 36.65
CA PRO B 199 -3.07 -14.56 37.46
C PRO B 199 -1.63 -15.00 37.24
N ASP B 200 -0.68 -14.23 37.78
CA ASP B 200 0.73 -14.52 37.64
C ASP B 200 1.17 -15.76 38.42
N ARG B 201 0.26 -16.38 39.16
CA ARG B 201 0.58 -17.61 39.86
C ARG B 201 1.01 -18.71 38.90
N PHE B 202 0.33 -18.83 37.77
CA PHE B 202 0.64 -19.83 36.76
C PHE B 202 1.83 -19.37 35.92
N SER B 203 2.69 -20.33 35.59
CA SER B 203 3.84 -20.06 34.73
C SER B 203 4.22 -21.37 34.04
N GLY B 204 5.00 -21.26 32.98
CA GLY B 204 5.44 -22.44 32.26
C GLY B 204 6.85 -22.25 31.77
N SER B 205 7.57 -23.37 31.66
CA SER B 205 8.96 -23.31 31.23
C SER B 205 9.41 -24.69 30.78
N GLY B 206 10.40 -24.71 29.90
CA GLY B 206 10.98 -25.95 29.45
C GLY B 206 11.56 -25.78 28.06
N SER B 207 11.80 -26.91 27.42
CA SER B 207 12.33 -26.95 26.06
C SER B 207 12.28 -28.37 25.54
N GLY B 208 12.04 -28.50 24.24
CA GLY B 208 12.27 -29.73 23.52
C GLY B 208 11.85 -31.00 24.23
N THR B 209 10.55 -31.19 24.42
CA THR B 209 9.95 -32.40 24.99
C THR B 209 10.04 -32.44 26.51
N ALA B 210 10.55 -31.41 27.16
CA ALA B 210 10.55 -31.34 28.62
C ALA B 210 9.86 -30.04 29.04
N PHE B 211 8.65 -30.15 29.56
CA PHE B 211 7.79 -29.00 29.80
C PHE B 211 7.23 -29.09 31.21
N THR B 212 7.23 -27.97 31.93
CA THR B 212 6.73 -27.93 33.30
C THR B 212 5.87 -26.69 33.49
N LEU B 213 4.68 -26.90 34.05
CA LEU B 213 3.87 -25.82 34.59
C LEU B 213 4.24 -25.60 36.04
N THR B 214 3.91 -24.41 36.54
CA THR B 214 4.29 -24.03 37.90
C THR B 214 3.19 -23.14 38.47
N ILE B 215 2.80 -23.41 39.71
CA ILE B 215 1.81 -22.63 40.41
C ILE B 215 2.41 -22.19 41.75
N SER B 216 2.19 -20.92 42.08
CA SER B 216 2.69 -20.36 43.33
C SER B 216 1.49 -19.86 44.14
N ARG B 217 1.49 -20.18 45.43
CA ARG B 217 0.37 -19.84 46.31
C ARG B 217 -0.94 -20.40 45.76
N LEU B 218 -0.97 -21.72 45.67
CA LEU B 218 -2.15 -22.42 45.16
C LEU B 218 -3.37 -22.03 45.99
N GLU B 219 -4.55 -22.11 45.40
CA GLU B 219 -5.77 -21.73 46.10
C GLU B 219 -6.94 -22.45 45.46
N ALA B 220 -8.06 -22.48 46.18
CA ALA B 220 -9.27 -23.13 45.67
C ALA B 220 -9.62 -22.56 44.31
N GLU B 221 -10.36 -23.34 43.51
CA GLU B 221 -10.69 -23.05 42.12
C GLU B 221 -9.53 -23.38 41.20
N ASP B 222 -8.38 -23.81 41.74
CA ASP B 222 -7.31 -24.36 40.92
C ASP B 222 -7.39 -25.87 40.82
N VAL B 223 -8.29 -26.50 41.57
CA VAL B 223 -8.44 -27.95 41.52
C VAL B 223 -9.17 -28.31 40.24
N GLY B 224 -8.58 -29.23 39.47
CA GLY B 224 -9.17 -29.66 38.21
C GLY B 224 -8.28 -30.66 37.51
N VAL B 225 -8.27 -30.61 36.18
CA VAL B 225 -7.42 -31.47 35.39
C VAL B 225 -6.64 -30.60 34.42
N TYR B 226 -5.33 -30.56 34.58
CA TYR B 226 -4.49 -29.75 33.71
C TYR B 226 -4.06 -30.56 32.49
N TYR B 227 -4.33 -30.01 31.31
CA TYR B 227 -4.11 -30.70 30.06
C TYR B 227 -2.94 -30.07 29.31
N CYS B 228 -2.28 -30.83 28.45
CA CYS B 228 -1.13 -30.36 27.72
C CYS B 228 -1.54 -30.49 26.31
N MET B 229 -0.93 -29.73 25.45
CA MET B 229 -1.24 -29.79 24.03
C MET B 229 -0.06 -29.24 23.25
N GLN B 230 0.13 -29.77 22.04
CA GLN B 230 1.11 -29.25 21.10
C GLN B 230 0.38 -28.69 19.89
N HIS B 231 0.82 -27.51 19.44
CA HIS B 231 0.33 -26.91 18.21
C HIS B 231 1.43 -26.80 17.17
N LEU B 232 2.45 -27.66 17.29
CA LEU B 232 3.55 -27.67 16.35
C LEU B 232 3.06 -28.05 14.95
N GLU B 233 2.19 -29.05 14.88
CA GLU B 233 1.69 -29.55 13.61
C GLU B 233 0.43 -30.37 13.85
N TYR B 234 -0.40 -30.46 12.82
CA TYR B 234 -1.63 -31.23 12.92
C TYR B 234 -1.34 -32.70 12.65
N PRO B 235 -2.11 -33.62 13.26
CA PRO B 235 -3.23 -33.39 14.18
C PRO B 235 -2.76 -32.87 15.53
N LEU B 236 -3.60 -32.16 16.26
CA LEU B 236 -3.24 -31.60 17.55
C LEU B 236 -3.51 -32.65 18.63
N THR B 237 -2.50 -32.89 19.45
CA THR B 237 -2.57 -33.95 20.42
C THR B 237 -2.54 -33.40 21.81
N PHE B 238 -3.23 -34.07 22.72
CA PHE B 238 -3.31 -33.64 24.10
C PHE B 238 -2.60 -34.65 25.00
N GLY B 239 -2.33 -34.23 26.23
CA GLY B 239 -1.85 -35.14 27.24
C GLY B 239 -3.00 -35.92 27.83
N ALA B 240 -2.72 -36.81 28.78
CA ALA B 240 -3.78 -37.61 29.39
C ALA B 240 -4.49 -36.85 30.51
N GLY B 241 -4.01 -35.67 30.89
CA GLY B 241 -4.65 -34.90 31.94
C GLY B 241 -4.09 -35.21 33.31
N THR B 242 -3.58 -34.20 34.01
CA THR B 242 -3.05 -34.36 35.35
C THR B 242 -4.06 -33.82 36.34
N LYS B 243 -4.80 -34.72 36.97
CA LYS B 243 -5.74 -34.34 38.01
C LYS B 243 -4.99 -33.72 39.18
N LEU B 244 -5.63 -32.76 39.85
CA LEU B 244 -4.98 -32.11 41.00
C LEU B 244 -6.10 -31.85 42.02
N GLU B 245 -6.13 -32.67 43.06
CA GLU B 245 -7.13 -32.61 44.11
C GLU B 245 -6.46 -32.35 45.45
N LEU B 246 -7.25 -32.41 46.51
CA LEU B 246 -6.75 -32.18 47.87
C LEU B 246 -6.73 -33.48 48.66
N ASP C 27 4.08 49.26 23.18
CA ASP C 27 4.62 50.13 22.14
C ASP C 27 6.14 50.08 22.14
N GLN C 28 6.78 50.86 23.02
CA GLN C 28 8.22 50.86 23.12
C GLN C 28 8.78 49.58 23.73
N LEU C 29 7.93 48.74 24.31
CA LEU C 29 8.39 47.51 24.94
C LEU C 29 9.12 46.59 23.97
N ARG C 30 8.89 46.74 22.67
CA ARG C 30 9.61 45.94 21.68
C ARG C 30 11.11 46.20 21.71
N GLN C 31 11.54 47.38 22.18
CA GLN C 31 12.97 47.67 22.26
C GLN C 31 13.67 46.69 23.19
N GLU C 32 13.16 46.55 24.42
CA GLU C 32 13.82 45.68 25.39
C GLU C 32 14.02 44.28 24.83
N ALA C 33 12.98 43.71 24.23
CA ALA C 33 13.10 42.37 23.66
C ALA C 33 14.32 42.28 22.76
N GLU C 34 14.48 43.25 21.85
CA GLU C 34 15.63 43.24 20.96
C GLU C 34 16.92 43.12 21.77
N GLN C 35 17.09 44.01 22.75
CA GLN C 35 18.27 43.91 23.61
C GLN C 35 18.37 42.52 24.21
N LEU C 36 17.28 42.03 24.79
CA LEU C 36 17.31 40.69 25.36
C LEU C 36 17.74 39.68 24.32
N LYS C 37 17.18 39.75 23.11
CA LYS C 37 17.60 38.84 22.05
C LYS C 37 19.11 38.88 21.89
N ASN C 38 19.67 40.09 21.74
CA ASN C 38 21.12 40.20 21.62
C ASN C 38 21.80 39.47 22.77
N GLN C 39 21.38 39.75 24.00
CA GLN C 39 21.99 39.08 25.15
C GLN C 39 21.97 37.57 24.95
N ILE C 40 20.81 37.01 24.59
CA ILE C 40 20.74 35.57 24.42
C ILE C 40 21.78 35.12 23.42
N ARG C 41 21.85 35.79 22.26
CA ARG C 41 22.86 35.43 21.27
C ARG C 41 24.24 35.42 21.91
N ASP C 42 24.60 36.52 22.58
CA ASP C 42 25.91 36.59 23.20
C ASP C 42 26.17 35.39 24.09
N ALA C 43 25.16 34.99 24.87
CA ALA C 43 25.33 33.82 25.72
C ALA C 43 25.76 32.61 24.89
N ARG C 44 24.94 32.27 23.88
CA ARG C 44 25.28 31.14 23.03
C ARG C 44 26.43 31.45 22.08
N LYS C 45 26.85 32.71 22.01
CA LYS C 45 28.08 33.07 21.32
C LYS C 45 29.30 32.97 22.24
N ALA C 46 29.09 33.09 23.55
CA ALA C 46 30.21 33.01 24.48
C ALA C 46 30.66 31.57 24.69
N CYS C 47 29.72 30.62 24.62
CA CYS C 47 30.01 29.21 24.85
C CYS C 47 30.29 28.45 23.57
N ALA C 48 30.72 29.13 22.51
CA ALA C 48 31.01 28.51 21.22
C ALA C 48 32.50 28.70 20.95
N ASP C 49 33.29 27.66 21.25
CA ASP C 49 34.73 27.73 21.04
C ASP C 49 35.28 26.43 20.48
N ALA C 50 34.42 25.53 19.99
CA ALA C 50 34.87 24.21 19.54
C ALA C 50 34.79 23.95 18.04
N THR C 51 33.76 24.38 17.34
CA THR C 51 33.62 24.02 15.92
C THR C 51 33.73 22.51 15.93
N LEU C 52 32.61 21.84 16.21
CA LEU C 52 32.62 20.39 16.34
C LEU C 52 33.32 19.67 15.19
N SER C 53 33.15 20.17 13.99
CA SER C 53 33.84 19.57 12.84
C SER C 53 35.34 19.54 13.06
N GLN C 54 35.89 20.57 13.71
CA GLN C 54 37.32 20.62 14.01
C GLN C 54 37.72 19.72 15.17
N ILE C 55 36.76 19.27 15.97
CA ILE C 55 37.08 18.39 17.09
C ILE C 55 37.33 16.96 16.64
N THR C 56 36.74 16.57 15.50
CA THR C 56 36.85 15.21 14.99
C THR C 56 37.88 15.08 13.88
N ASN C 57 38.92 15.93 13.89
CA ASN C 57 39.95 15.83 12.86
C ASN C 57 40.71 14.51 12.92
N ASN C 58 40.84 13.91 14.10
CA ASN C 58 41.65 12.72 14.29
C ASN C 58 40.83 11.45 14.48
N ILE C 59 39.53 11.48 14.23
CA ILE C 59 38.70 10.29 14.40
C ILE C 59 38.60 9.57 13.06
N ASP C 60 38.61 8.24 13.12
CA ASP C 60 38.50 7.44 11.91
C ASP C 60 37.11 7.62 11.30
N PRO C 61 37.01 7.75 9.97
CA PRO C 61 35.68 7.91 9.35
C PRO C 61 34.87 6.63 9.42
N VAL C 62 33.55 6.76 9.27
CA VAL C 62 32.67 5.59 9.29
C VAL C 62 32.95 4.70 8.07
N GLY C 63 33.36 5.31 6.97
CA GLY C 63 33.70 4.56 5.76
C GLY C 63 32.60 4.64 4.73
N ARG C 64 32.21 3.49 4.19
CA ARG C 64 31.17 3.43 3.17
C ARG C 64 30.12 2.43 3.64
N ILE C 65 28.86 2.85 3.61
CA ILE C 65 27.74 2.06 4.11
C ILE C 65 26.86 1.71 2.92
N GLN C 66 26.81 0.42 2.58
CA GLN C 66 25.93 -0.09 1.54
C GLN C 66 24.86 -0.94 2.20
N MET C 67 23.60 -0.54 2.00
CA MET C 67 22.47 -1.21 2.62
C MET C 67 21.60 -1.80 1.51
N ARG C 68 21.09 -3.00 1.77
CA ARG C 68 20.28 -3.75 0.83
C ARG C 68 18.83 -3.80 1.31
N THR C 69 17.90 -3.77 0.36
CA THR C 69 16.48 -3.85 0.68
C THR C 69 16.16 -5.28 1.09
N ARG C 70 16.30 -5.55 2.38
CA ARG C 70 16.05 -6.89 2.90
C ARG C 70 14.62 -7.30 2.68
N ARG C 71 13.68 -6.41 2.95
CA ARG C 71 12.27 -6.72 2.76
C ARG C 71 11.59 -5.60 2.00
N THR C 72 10.54 -5.96 1.25
CA THR C 72 9.65 -5.00 0.62
C THR C 72 8.22 -5.35 1.01
N LEU C 73 7.54 -4.39 1.63
CA LEU C 73 6.19 -4.59 2.15
C LEU C 73 5.22 -3.89 1.21
N ARG C 74 4.32 -4.67 0.61
CA ARG C 74 3.37 -4.21 -0.38
C ARG C 74 1.95 -4.42 0.15
N GLY C 75 1.03 -3.59 -0.33
CA GLY C 75 -0.35 -3.71 0.08
C GLY C 75 -1.08 -2.38 0.20
N HIS C 76 -0.34 -1.29 0.33
CA HIS C 76 -0.99 0.01 0.32
C HIS C 76 -1.21 0.38 -1.13
N LEU C 77 -2.37 0.96 -1.43
CA LEU C 77 -2.76 1.31 -2.79
C LEU C 77 -2.64 2.81 -3.06
N ALA C 78 -2.08 3.58 -2.14
CA ALA C 78 -1.91 5.00 -2.32
C ALA C 78 -0.63 5.43 -1.62
N LYS C 79 -0.32 6.71 -1.68
CA LYS C 79 0.84 7.24 -0.98
C LYS C 79 0.72 6.94 0.51
N ILE C 80 1.81 6.41 1.08
CA ILE C 80 1.83 6.18 2.52
C ILE C 80 2.46 7.45 3.06
N TYR C 81 2.05 7.90 4.24
CA TYR C 81 2.51 9.17 4.80
C TYR C 81 3.27 9.03 6.11
N ALA C 82 3.11 7.92 6.82
CA ALA C 82 3.81 7.73 8.08
C ALA C 82 3.95 6.24 8.35
N MET C 83 4.98 5.90 9.12
CA MET C 83 5.12 4.56 9.68
C MET C 83 5.76 4.69 11.05
N HIS C 84 5.57 3.67 11.87
CA HIS C 84 6.17 3.64 13.20
C HIS C 84 6.49 2.20 13.56
N TRP C 85 7.67 2.02 14.15
CA TRP C 85 8.13 0.71 14.60
C TRP C 85 7.53 0.39 15.97
N GLY C 86 7.22 -0.89 16.19
CA GLY C 86 6.90 -1.40 17.51
C GLY C 86 8.17 -1.55 18.33
N THR C 87 8.00 -1.43 19.65
CA THR C 87 9.15 -1.52 20.53
C THR C 87 9.82 -2.89 20.50
N ASP C 88 9.14 -3.91 19.98
CA ASP C 88 9.72 -5.24 19.83
C ASP C 88 10.66 -5.32 18.64
N SER C 89 10.71 -4.29 17.80
CA SER C 89 11.53 -4.23 16.60
C SER C 89 11.08 -5.20 15.52
N ARG C 90 9.84 -5.68 15.58
CA ARG C 90 9.32 -6.65 14.62
C ARG C 90 7.99 -6.25 14.01
N LEU C 91 7.12 -5.64 14.78
CA LEU C 91 5.85 -5.13 14.30
C LEU C 91 5.98 -3.64 14.01
N LEU C 92 5.41 -3.21 12.89
CA LEU C 92 5.43 -1.80 12.54
C LEU C 92 4.08 -1.42 11.97
N VAL C 93 3.69 -0.17 12.11
CA VAL C 93 2.42 0.32 11.61
C VAL C 93 2.69 1.39 10.57
N SER C 94 1.91 1.35 9.49
CA SER C 94 2.05 2.36 8.45
C SER C 94 0.68 2.85 8.03
N ALA C 95 0.57 4.16 7.82
CA ALA C 95 -0.69 4.75 7.40
C ALA C 95 -0.58 5.19 5.97
N SER C 96 -1.68 5.16 5.23
CA SER C 96 -1.67 5.60 3.85
C SER C 96 -2.96 6.28 3.47
N GLN C 97 -2.99 6.87 2.29
CA GLN C 97 -4.16 7.63 1.85
C GLN C 97 -5.28 6.75 1.36
N ASP C 98 -5.02 5.46 1.18
CA ASP C 98 -6.11 4.54 0.86
C ASP C 98 -7.03 4.31 2.05
N GLY C 99 -6.89 5.11 3.11
CA GLY C 99 -7.71 4.98 4.29
C GLY C 99 -7.41 3.70 5.03
N LYS C 100 -6.13 3.35 5.13
CA LYS C 100 -5.72 2.10 5.75
C LYS C 100 -4.52 2.31 6.67
N LEU C 101 -4.58 1.66 7.81
CA LEU C 101 -3.50 1.59 8.79
C LEU C 101 -3.11 0.12 8.90
N ILE C 102 -1.98 -0.26 8.31
CA ILE C 102 -1.60 -1.66 8.22
C ILE C 102 -0.48 -1.93 9.22
N ILE C 103 -0.63 -3.01 9.98
CA ILE C 103 0.38 -3.50 10.91
C ILE C 103 1.09 -4.67 10.25
N TRP C 104 2.40 -4.54 10.06
CA TRP C 104 3.22 -5.51 9.36
C TRP C 104 4.11 -6.23 10.36
N ASP C 105 4.33 -7.52 10.07
CA ASP C 105 5.29 -8.31 10.82
C ASP C 105 6.44 -8.21 9.86
N SER C 106 7.45 -7.43 10.19
CA SER C 106 8.57 -7.14 9.27
C SER C 106 9.41 -8.36 8.96
N TYR C 107 9.47 -9.35 9.86
CA TYR C 107 10.26 -10.54 9.62
C TYR C 107 9.69 -11.44 8.53
N THR C 108 8.36 -11.53 8.42
CA THR C 108 7.75 -12.40 7.43
C THR C 108 6.92 -11.65 6.40
N THR C 109 6.86 -10.33 6.47
CA THR C 109 6.10 -9.53 5.52
C THR C 109 4.60 -9.80 5.65
N ASN C 110 4.20 -10.40 6.76
CA ASN C 110 2.80 -10.72 7.03
C ASN C 110 2.08 -9.49 7.56
N LYS C 111 0.85 -9.32 7.10
CA LYS C 111 -0.04 -8.29 7.61
C LYS C 111 -0.78 -8.83 8.82
N VAL C 112 -0.48 -8.26 9.99
CA VAL C 112 -1.14 -8.68 11.23
C VAL C 112 -2.52 -8.08 11.34
N HIS C 113 -2.66 -6.79 11.06
CA HIS C 113 -3.93 -6.09 11.11
C HIS C 113 -4.02 -5.12 9.96
N ALA C 114 -5.25 -4.90 9.47
CA ALA C 114 -5.54 -3.84 8.50
C ALA C 114 -6.72 -3.05 9.04
N ILE C 115 -6.45 -1.85 9.53
CA ILE C 115 -7.45 -1.01 10.20
C ILE C 115 -8.02 -0.03 9.19
N PRO C 116 -9.31 -0.09 8.88
CA PRO C 116 -9.91 0.93 8.02
C PRO C 116 -10.19 2.21 8.79
N LEU C 117 -9.85 3.33 8.17
CA LEU C 117 -9.95 4.64 8.78
C LEU C 117 -11.14 5.40 8.21
N ARG C 118 -11.74 6.24 9.06
CA ARG C 118 -12.86 7.08 8.67
C ARG C 118 -12.44 8.26 7.82
N SER C 119 -11.24 8.80 8.05
CA SER C 119 -10.67 9.87 7.26
C SER C 119 -9.43 9.35 6.56
N SER C 120 -9.48 9.25 5.24
CA SER C 120 -8.34 8.78 4.46
C SER C 120 -7.19 9.78 4.44
N TRP C 121 -7.42 11.01 4.89
CA TRP C 121 -6.39 12.05 4.91
C TRP C 121 -5.58 11.90 6.19
N VAL C 122 -4.69 10.90 6.18
CA VAL C 122 -3.89 10.54 7.33
C VAL C 122 -2.46 11.02 7.08
N MET C 123 -1.90 11.74 8.05
CA MET C 123 -0.57 12.30 7.89
C MET C 123 0.38 11.85 8.98
N THR C 124 -0.09 10.99 9.88
CA THR C 124 0.78 10.49 10.94
C THR C 124 0.19 9.21 11.51
N CYS C 125 1.06 8.42 12.15
CA CYS C 125 0.63 7.20 12.80
C CYS C 125 1.65 6.84 13.89
N ALA C 126 1.18 6.30 15.00
CA ALA C 126 2.03 5.90 16.13
C ALA C 126 1.71 4.52 16.65
N TYR C 127 2.65 3.96 17.39
CA TYR C 127 2.49 2.63 17.94
C TYR C 127 2.81 2.79 19.41
N ALA C 128 1.98 2.23 20.28
CA ALA C 128 2.16 2.40 21.67
C ALA C 128 3.35 1.61 22.08
N PRO C 129 4.11 2.12 23.05
CA PRO C 129 5.26 1.33 23.53
C PRO C 129 4.85 -0.03 24.07
N SER C 130 3.69 -0.11 24.73
CA SER C 130 3.17 -1.40 25.18
C SER C 130 2.75 -2.27 24.01
N GLY C 131 2.36 -1.67 22.88
CA GLY C 131 1.89 -2.41 21.73
C GLY C 131 0.40 -2.67 21.70
N ASN C 132 -0.33 -2.22 22.71
CA ASN C 132 -1.77 -2.49 22.77
C ASN C 132 -2.56 -1.58 21.83
N TYR C 133 -2.04 -0.38 21.57
CA TYR C 133 -2.76 0.63 20.82
C TYR C 133 -1.91 1.20 19.69
N VAL C 134 -2.58 1.71 18.67
CA VAL C 134 -1.94 2.44 17.59
C VAL C 134 -2.80 3.73 17.53
N ALA C 135 -2.28 4.85 17.07
CA ALA C 135 -3.01 6.08 16.91
C ALA C 135 -2.76 6.60 15.57
N CYS C 136 -3.60 7.48 15.07
CA CYS C 136 -3.43 8.09 13.78
C CYS C 136 -4.20 9.36 13.66
N GLY C 137 -3.87 10.19 12.72
CA GLY C 137 -4.67 11.36 12.45
C GLY C 137 -4.25 12.15 11.26
N GLY C 138 -5.06 13.09 10.82
CA GLY C 138 -4.61 13.99 9.77
C GLY C 138 -5.48 15.21 9.62
N LEU C 139 -5.85 15.52 8.38
CA LEU C 139 -6.65 16.70 8.08
C LEU C 139 -8.00 16.71 8.82
N ASP C 140 -8.37 15.61 9.48
CA ASP C 140 -9.61 15.58 10.29
C ASP C 140 -9.45 16.27 11.63
N ASN C 141 -8.22 16.57 12.05
CA ASN C 141 -7.96 17.29 13.29
C ASN C 141 -8.13 16.40 14.52
N ILE C 142 -8.19 15.08 14.34
CA ILE C 142 -8.47 14.17 15.45
C ILE C 142 -7.45 13.11 15.49
N CYS C 143 -7.06 12.69 16.68
CA CYS C 143 -6.16 11.59 16.83
C CYS C 143 -7.02 10.47 17.26
N SER C 144 -7.23 9.54 16.37
CA SER C 144 -8.00 8.41 16.69
C SER C 144 -7.07 7.42 17.25
N ILE C 145 -7.47 6.78 18.31
CA ILE C 145 -6.70 5.77 19.01
C ILE C 145 -7.45 4.44 18.93
N TYR C 146 -6.76 3.43 18.39
CA TYR C 146 -7.31 2.12 18.10
C TYR C 146 -6.69 1.09 19.03
N ASN C 147 -7.54 0.23 19.59
CA ASN C 147 -7.15 -0.82 20.52
C ASN C 147 -6.93 -2.12 19.76
N LEU C 148 -5.70 -2.63 19.82
CA LEU C 148 -5.33 -3.84 19.08
C LEU C 148 -5.65 -5.12 19.84
N LYS C 149 -5.40 -5.14 21.16
CA LYS C 149 -5.56 -6.35 21.97
C LYS C 149 -6.92 -6.27 22.65
N THR C 150 -7.94 -6.81 21.99
CA THR C 150 -9.29 -6.83 22.51
C THR C 150 -9.86 -8.23 22.35
N ARG C 151 -10.65 -8.66 23.33
CA ARG C 151 -11.59 -9.72 23.06
C ARG C 151 -12.52 -9.26 21.93
N GLU C 152 -13.09 -10.22 21.21
CA GLU C 152 -13.91 -9.92 20.02
C GLU C 152 -12.98 -10.01 18.80
N GLY C 153 -11.66 -10.09 19.03
CA GLY C 153 -10.73 -10.31 17.95
C GLY C 153 -10.84 -9.31 16.82
N ASN C 154 -10.91 -8.02 17.13
CA ASN C 154 -10.96 -6.98 16.12
C ASN C 154 -10.28 -5.74 16.69
N VAL C 155 -9.94 -4.81 15.81
CA VAL C 155 -9.31 -3.55 16.19
C VAL C 155 -10.41 -2.50 16.16
N ARG C 156 -10.90 -2.13 17.34
CA ARG C 156 -11.89 -1.08 17.47
C ARG C 156 -11.20 0.23 17.84
N VAL C 157 -11.77 1.35 17.38
CA VAL C 157 -11.21 2.64 17.76
C VAL C 157 -11.65 2.86 19.21
N SER C 158 -10.67 3.00 20.10
CA SER C 158 -10.94 3.15 21.51
C SER C 158 -11.22 4.60 21.88
N ARG C 159 -10.70 5.54 21.08
CA ARG C 159 -10.96 6.95 21.35
C ARG C 159 -10.76 7.78 20.10
N GLU C 160 -11.27 9.01 20.17
CA GLU C 160 -11.09 10.03 19.13
C GLU C 160 -10.85 11.35 19.85
N LEU C 161 -9.60 11.79 19.89
CA LEU C 161 -9.20 12.97 20.63
C LEU C 161 -9.37 14.20 19.76
N ALA C 162 -10.36 15.02 20.08
CA ALA C 162 -10.64 16.26 19.37
C ALA C 162 -10.26 17.46 20.25
N GLY C 163 -9.97 18.58 19.60
CA GLY C 163 -9.56 19.77 20.31
C GLY C 163 -8.55 20.60 19.55
N HIS C 164 -7.92 20.03 18.54
CA HIS C 164 -7.06 20.78 17.64
C HIS C 164 -7.90 21.43 16.54
N THR C 165 -7.51 22.66 16.18
CA THR C 165 -8.22 23.41 15.15
C THR C 165 -7.42 23.47 13.86
N GLY C 166 -6.36 22.68 13.76
CA GLY C 166 -5.54 22.64 12.55
C GLY C 166 -5.62 21.27 11.89
N TYR C 167 -4.49 20.59 11.81
CA TYR C 167 -4.48 19.20 11.35
C TYR C 167 -3.41 18.47 12.14
N LEU C 168 -3.67 17.20 12.46
CA LEU C 168 -2.67 16.40 13.15
C LEU C 168 -1.52 16.08 12.21
N SER C 169 -0.31 16.45 12.62
CA SER C 169 0.90 16.14 11.87
C SER C 169 1.77 15.08 12.52
N CYS C 170 1.65 14.89 13.83
CA CYS C 170 2.42 13.87 14.53
C CYS C 170 1.83 13.69 15.93
N CYS C 171 1.63 12.41 16.28
CA CYS C 171 1.13 12.01 17.53
C CYS C 171 2.16 11.04 17.98
N ARG C 172 2.55 11.01 19.24
CA ARG C 172 3.47 10.04 19.75
C ARG C 172 3.11 9.62 21.13
N PHE C 173 2.89 8.34 21.35
CA PHE C 173 2.48 7.85 22.65
C PHE C 173 3.56 8.09 23.71
N LEU C 174 3.10 8.34 24.94
CA LEU C 174 3.95 8.30 26.12
C LEU C 174 3.78 6.99 26.87
N ASP C 175 2.56 6.64 27.23
CA ASP C 175 2.20 5.32 27.72
C ASP C 175 0.84 4.98 27.14
N ASP C 176 0.22 3.92 27.66
CA ASP C 176 -1.09 3.50 27.18
C ASP C 176 -2.18 4.55 27.40
N ASN C 177 -1.99 5.47 28.34
CA ASN C 177 -3.04 6.43 28.68
C ASN C 177 -2.61 7.87 28.44
N GLN C 178 -1.47 8.09 27.77
CA GLN C 178 -0.98 9.45 27.56
C GLN C 178 -0.37 9.53 26.17
N ILE C 179 -0.79 10.51 25.38
CA ILE C 179 -0.29 10.73 24.04
C ILE C 179 -0.07 12.22 23.86
N VAL C 180 0.94 12.57 23.05
CA VAL C 180 1.27 13.96 22.78
C VAL C 180 1.15 14.19 21.28
N THR C 181 0.36 15.21 20.92
CA THR C 181 0.05 15.53 19.53
C THR C 181 0.67 16.87 19.17
N SER C 182 0.85 17.09 17.88
CA SER C 182 1.20 18.39 17.33
C SER C 182 0.25 18.67 16.18
N SER C 183 0.00 19.94 15.90
CA SER C 183 -0.96 20.28 14.86
C SER C 183 -0.67 21.52 14.04
N GLY C 184 -1.35 21.65 12.91
CA GLY C 184 -1.19 22.81 12.06
C GLY C 184 -1.73 24.10 12.63
N ASP C 185 -2.37 24.06 13.80
CA ASP C 185 -2.80 25.31 14.43
C ASP C 185 -1.69 25.94 15.26
N THR C 186 -0.45 25.53 15.05
CA THR C 186 0.71 26.10 15.72
C THR C 186 0.75 25.75 17.21
N THR C 187 0.28 24.56 17.57
CA THR C 187 0.29 24.13 18.97
C THR C 187 0.58 22.64 19.05
N CYS C 188 0.95 22.22 20.26
CA CYS C 188 1.02 20.81 20.61
C CYS C 188 0.13 20.60 21.83
N ALA C 189 -0.19 19.34 22.11
CA ALA C 189 -1.08 19.03 23.21
C ALA C 189 -0.66 17.71 23.85
N LEU C 190 -0.98 17.56 25.12
CA LEU C 190 -0.80 16.30 25.83
C LEU C 190 -2.14 15.90 26.44
N TRP C 191 -2.58 14.70 26.09
CA TRP C 191 -3.95 14.26 26.37
C TRP C 191 -3.99 13.20 27.45
N ASP C 192 -5.20 12.95 27.96
CA ASP C 192 -5.47 11.79 28.80
C ASP C 192 -6.46 10.92 28.04
N ILE C 193 -6.23 9.61 28.03
CA ILE C 193 -7.00 8.73 27.17
C ILE C 193 -8.34 8.39 27.81
N GLU C 194 -8.31 7.88 29.04
CA GLU C 194 -9.56 7.44 29.67
C GLU C 194 -10.59 8.55 29.68
N THR C 195 -10.16 9.80 29.85
CA THR C 195 -11.07 10.95 29.84
C THR C 195 -11.21 11.54 28.45
N GLY C 196 -10.10 11.74 27.74
CA GLY C 196 -10.11 12.32 26.41
C GLY C 196 -9.88 13.81 26.37
N GLN C 197 -9.43 14.41 27.47
CA GLN C 197 -9.23 15.85 27.55
C GLN C 197 -7.76 16.20 27.39
N GLN C 198 -7.49 17.38 26.85
CA GLN C 198 -6.14 17.91 26.80
C GLN C 198 -5.67 18.27 28.20
N THR C 199 -4.79 17.45 28.76
CA THR C 199 -4.24 17.75 30.07
C THR C 199 -3.16 18.82 30.04
N THR C 200 -2.61 19.12 28.87
CA THR C 200 -1.68 20.23 28.75
C THR C 200 -1.68 20.72 27.30
N THR C 201 -1.41 22.01 27.12
CA THR C 201 -1.29 22.59 25.80
C THR C 201 0.01 23.37 25.72
N PHE C 202 0.76 23.14 24.64
CA PHE C 202 2.06 23.74 24.42
C PHE C 202 1.94 24.74 23.28
N THR C 203 2.04 26.02 23.60
CA THR C 203 1.90 27.10 22.64
C THR C 203 3.18 27.93 22.62
N GLY C 204 3.42 28.59 21.50
CA GLY C 204 4.60 29.40 21.34
C GLY C 204 5.16 29.40 19.94
N HIS C 205 4.73 28.44 19.12
CA HIS C 205 5.12 28.43 17.72
C HIS C 205 4.31 29.48 16.95
N THR C 206 4.97 30.10 15.97
CA THR C 206 4.35 31.08 15.10
C THR C 206 4.11 30.47 13.72
N GLY C 207 3.98 29.15 13.67
CA GLY C 207 3.73 28.46 12.42
C GLY C 207 3.29 27.05 12.71
N ASP C 208 2.85 26.37 11.66
CA ASP C 208 2.36 25.00 11.79
C ASP C 208 3.46 24.14 12.40
N VAL C 209 3.09 23.29 13.35
CA VAL C 209 4.02 22.34 13.92
C VAL C 209 3.94 21.05 13.10
N MET C 210 5.10 20.61 12.59
CA MET C 210 5.10 19.56 11.59
C MET C 210 5.73 18.25 12.07
N SER C 211 6.42 18.24 13.21
CA SER C 211 7.09 17.03 13.67
C SER C 211 7.16 17.05 15.19
N LEU C 212 7.39 15.88 15.75
CA LEU C 212 7.44 15.66 17.18
C LEU C 212 8.51 14.62 17.45
N SER C 213 9.09 14.69 18.64
CA SER C 213 10.03 13.66 19.07
C SER C 213 10.12 13.62 20.59
N LEU C 214 9.82 12.45 21.17
CA LEU C 214 9.86 12.30 22.62
C LEU C 214 11.21 11.79 23.09
N ALA C 215 11.75 12.40 24.14
CA ALA C 215 13.04 12.02 24.68
C ALA C 215 13.00 10.58 25.18
N PRO C 216 14.15 9.91 25.25
CA PRO C 216 14.14 8.52 25.75
C PRO C 216 13.52 8.38 27.12
N ASP C 217 13.60 9.41 27.96
CA ASP C 217 12.95 9.41 29.27
C ASP C 217 11.49 9.86 29.18
N THR C 218 11.02 10.24 27.99
CA THR C 218 9.64 10.65 27.80
C THR C 218 9.22 11.71 28.81
N ARG C 219 10.18 12.54 29.23
CA ARG C 219 9.92 13.59 30.20
C ARG C 219 9.91 14.97 29.56
N LEU C 220 10.54 15.10 28.40
CA LEU C 220 10.52 16.37 27.68
C LEU C 220 10.67 16.03 26.21
N PHE C 221 9.86 16.64 25.37
CA PHE C 221 9.88 16.38 23.94
C PHE C 221 10.33 17.61 23.17
N VAL C 222 10.42 17.49 21.84
CA VAL C 222 10.90 18.57 20.98
C VAL C 222 10.04 18.58 19.74
N SER C 223 9.76 19.78 19.22
CA SER C 223 8.93 19.94 18.03
C SER C 223 9.62 20.87 17.06
N GLY C 224 9.26 20.73 15.78
CA GLY C 224 9.76 21.62 14.76
C GLY C 224 8.64 22.16 13.90
N ALA C 225 8.55 23.48 13.74
CA ALA C 225 7.41 24.08 13.09
C ALA C 225 7.80 24.75 11.78
N CYS C 226 6.80 25.29 11.10
CA CYS C 226 7.02 25.94 9.81
C CYS C 226 7.58 27.34 9.94
N ASP C 227 7.70 27.87 11.15
CA ASP C 227 8.43 29.11 11.38
C ASP C 227 9.94 28.92 11.32
N ALA C 228 10.40 27.75 10.86
CA ALA C 228 11.83 27.46 10.74
C ALA C 228 12.51 27.47 12.10
N SER C 229 11.80 26.96 13.11
CA SER C 229 12.35 26.89 14.45
C SER C 229 11.85 25.63 15.15
N ALA C 230 12.66 25.17 16.09
CA ALA C 230 12.33 24.03 16.93
C ALA C 230 12.22 24.49 18.38
N LYS C 231 11.44 23.75 19.15
CA LYS C 231 11.20 24.09 20.55
C LYS C 231 11.36 22.84 21.40
N LEU C 232 12.10 22.98 22.49
CA LEU C 232 12.22 21.94 23.50
C LEU C 232 11.28 22.30 24.65
N TRP C 233 10.29 21.44 24.86
CA TRP C 233 9.20 21.66 25.80
C TRP C 233 9.46 20.92 27.10
N ASP C 234 8.51 20.99 28.02
CA ASP C 234 8.51 20.18 29.23
C ASP C 234 7.13 19.58 29.42
N VAL C 235 7.08 18.27 29.62
CA VAL C 235 5.82 17.56 29.69
C VAL C 235 5.09 17.89 30.99
N ARG C 236 5.78 17.78 32.12
CA ARG C 236 5.14 18.01 33.41
C ARG C 236 4.71 19.47 33.56
N GLU C 237 5.64 20.40 33.34
CA GLU C 237 5.36 21.81 33.53
C GLU C 237 4.42 22.34 32.46
N GLY C 238 4.68 22.03 31.20
CA GLY C 238 3.82 22.45 30.12
C GLY C 238 4.32 23.69 29.40
N MET C 239 5.50 24.18 29.79
CA MET C 239 6.07 25.39 29.23
C MET C 239 7.27 25.07 28.35
N CYS C 240 7.51 25.93 27.36
CA CYS C 240 8.70 25.79 26.53
C CYS C 240 9.95 26.02 27.37
N ARG C 241 10.97 25.23 27.08
CA ARG C 241 12.24 25.37 27.80
C ARG C 241 13.34 25.96 26.92
N GLN C 242 13.37 25.63 25.64
CA GLN C 242 14.38 26.23 24.77
C GLN C 242 13.84 26.41 23.36
N THR C 243 14.43 27.34 22.64
CA THR C 243 14.10 27.60 21.24
C THR C 243 15.36 27.50 20.39
N PHE C 244 15.21 26.99 19.18
CA PHE C 244 16.34 26.59 18.35
C PHE C 244 16.10 27.09 16.94
N THR C 245 16.93 28.03 16.49
CA THR C 245 16.83 28.59 15.15
C THR C 245 18.08 28.24 14.36
N GLY C 246 18.04 28.54 13.07
CA GLY C 246 19.18 28.30 12.20
C GLY C 246 18.78 27.87 10.81
N HIS C 247 17.57 27.33 10.66
CA HIS C 247 17.06 26.98 9.35
C HIS C 247 16.57 28.24 8.62
N GLU C 248 16.69 28.23 7.30
CA GLU C 248 16.17 29.30 6.46
C GLU C 248 14.88 28.89 5.76
N SER C 249 14.24 27.82 6.21
CA SER C 249 12.97 27.38 5.62
C SER C 249 12.25 26.53 6.66
N ASP C 250 11.06 26.06 6.31
CA ASP C 250 10.24 25.31 7.28
C ASP C 250 10.79 23.94 7.59
N ILE C 251 10.48 23.45 8.77
CA ILE C 251 11.01 22.19 9.27
C ILE C 251 9.94 21.11 9.14
N ASN C 252 10.34 19.95 8.63
CA ASN C 252 9.40 18.86 8.43
C ASN C 252 9.72 17.63 9.27
N ALA C 253 10.97 17.45 9.70
CA ALA C 253 11.31 16.24 10.43
C ALA C 253 12.18 16.60 11.63
N ILE C 254 12.05 15.81 12.69
CA ILE C 254 12.84 16.01 13.90
C ILE C 254 12.96 14.68 14.62
N CYS C 255 14.14 14.44 15.19
CA CYS C 255 14.44 13.22 15.92
C CYS C 255 15.30 13.62 17.06
N PHE C 256 15.39 12.73 18.06
CA PHE C 256 16.25 12.95 19.19
C PHE C 256 17.45 12.05 19.07
N PHE C 257 18.60 12.49 19.54
CA PHE C 257 19.77 11.65 19.55
C PHE C 257 19.54 10.65 20.63
N PRO C 258 20.14 9.47 20.55
CA PRO C 258 19.86 8.40 21.52
C PRO C 258 20.14 8.79 22.96
N ASN C 259 21.16 9.61 23.18
CA ASN C 259 21.49 10.08 24.52
C ASN C 259 20.43 11.00 25.10
N GLY C 260 19.54 11.54 24.28
CA GLY C 260 18.51 12.45 24.76
C GLY C 260 19.08 13.80 25.16
N ASN C 261 20.28 14.13 24.64
CA ASN C 261 20.90 15.41 24.93
C ASN C 261 21.10 16.24 23.67
N ALA C 262 20.63 15.75 22.52
CA ALA C 262 20.73 16.47 21.26
C ALA C 262 19.64 15.94 20.35
N PHE C 263 19.36 16.69 19.28
CA PHE C 263 18.34 16.29 18.33
C PHE C 263 18.73 16.78 16.94
N ALA C 264 18.13 16.17 15.93
CA ALA C 264 18.38 16.51 14.54
C ALA C 264 17.10 16.96 13.90
N THR C 265 17.18 17.99 13.06
CA THR C 265 16.02 18.55 12.38
C THR C 265 16.29 18.59 10.88
N GLY C 266 15.25 18.35 10.10
CA GLY C 266 15.31 18.34 8.65
C GLY C 266 14.24 19.22 8.04
N SER C 267 14.67 20.13 7.15
CA SER C 267 13.83 21.21 6.64
C SER C 267 13.67 21.13 5.14
N ASP C 268 13.03 22.16 4.58
CA ASP C 268 12.81 22.29 3.14
C ASP C 268 13.97 22.98 2.43
N ASP C 269 14.95 23.49 3.17
CA ASP C 269 16.10 24.15 2.57
C ASP C 269 17.21 23.16 2.20
N ALA C 270 16.91 21.86 2.17
CA ALA C 270 17.82 20.79 1.80
C ALA C 270 18.86 20.53 2.86
N THR C 271 18.60 20.96 4.09
CA THR C 271 19.59 20.85 5.14
C THR C 271 19.14 20.20 6.41
N CYS C 272 19.98 19.33 6.95
CA CYS C 272 19.73 18.74 8.25
C CYS C 272 20.71 19.35 9.24
N ARG C 273 20.23 19.68 10.43
CA ARG C 273 21.06 20.31 11.44
C ARG C 273 20.92 19.58 12.76
N LEU C 274 22.02 19.60 13.54
CA LEU C 274 22.09 18.95 14.83
C LEU C 274 22.19 20.02 15.90
N PHE C 275 21.28 19.96 16.87
CA PHE C 275 21.22 20.92 17.96
C PHE C 275 21.49 20.20 19.28
N ASP C 276 22.23 20.86 20.16
CA ASP C 276 22.52 20.35 21.49
C ASP C 276 21.73 21.11 22.53
N LEU C 277 21.04 20.37 23.40
CA LEU C 277 20.18 20.95 24.40
C LEU C 277 20.93 21.66 25.51
N ARG C 278 22.20 21.32 25.74
CA ARG C 278 22.99 21.93 26.80
C ARG C 278 23.74 23.17 26.34
N ALA C 279 24.28 23.17 25.12
CA ALA C 279 24.91 24.34 24.55
C ALA C 279 23.93 25.29 23.91
N ASP C 280 22.67 24.89 23.73
CA ASP C 280 21.62 25.73 23.15
C ASP C 280 22.09 26.33 21.83
N GLN C 281 22.70 25.48 21.01
CA GLN C 281 23.30 25.93 19.76
C GLN C 281 23.49 24.71 18.87
N GLU C 282 23.43 24.94 17.56
CA GLU C 282 23.62 23.89 16.58
C GLU C 282 25.09 23.47 16.52
N LEU C 283 25.32 22.22 16.13
CA LEU C 283 26.66 21.66 16.07
C LEU C 283 27.10 21.38 14.64
N MET C 284 26.32 20.61 13.88
CA MET C 284 26.64 20.28 12.50
C MET C 284 25.51 20.67 11.57
N THR C 285 25.88 20.95 10.32
CA THR C 285 24.94 21.14 9.23
C THR C 285 25.21 20.09 8.16
N TYR C 286 24.20 19.32 7.81
CA TYR C 286 24.34 18.20 6.88
C TYR C 286 23.73 18.62 5.55
N SER C 287 24.55 19.19 4.68
CA SER C 287 24.10 19.68 3.39
C SER C 287 25.16 19.38 2.34
N HIS C 288 24.74 19.44 1.08
CA HIS C 288 25.66 19.29 -0.05
C HIS C 288 25.14 20.13 -1.20
N ASP C 289 26.06 20.76 -1.94
CA ASP C 289 25.65 21.64 -3.03
C ASP C 289 24.78 20.91 -4.05
N ASN C 290 25.04 19.63 -4.29
CA ASN C 290 24.30 18.86 -5.28
C ASN C 290 22.98 18.32 -4.74
N ILE C 291 22.50 18.83 -3.60
CA ILE C 291 21.22 18.43 -3.03
C ILE C 291 20.38 19.70 -2.86
N ILE C 292 19.23 19.74 -3.51
CA ILE C 292 18.35 20.91 -3.47
C ILE C 292 16.98 20.62 -2.93
N CYS C 293 16.56 19.36 -2.85
CA CYS C 293 15.25 18.99 -2.33
C CYS C 293 15.18 19.27 -0.83
N GLY C 294 14.04 18.95 -0.23
CA GLY C 294 13.83 19.12 1.20
C GLY C 294 13.75 17.78 1.90
N ILE C 295 14.10 17.75 3.18
CA ILE C 295 14.08 16.53 3.95
C ILE C 295 12.68 16.30 4.50
N THR C 296 12.20 15.07 4.35
CA THR C 296 10.84 14.73 4.78
C THR C 296 10.86 13.99 6.10
N SER C 297 11.89 13.20 6.35
CA SER C 297 11.97 12.42 7.57
C SER C 297 13.41 12.37 8.04
N VAL C 298 13.58 12.19 9.35
CA VAL C 298 14.90 12.14 9.97
C VAL C 298 14.89 11.04 11.04
N SER C 299 16.02 10.37 11.20
CA SER C 299 16.17 9.34 12.22
C SER C 299 17.64 9.16 12.54
N PHE C 300 17.91 8.50 13.66
CA PHE C 300 19.25 8.20 14.10
C PHE C 300 19.44 6.69 14.15
N SER C 301 20.69 6.27 14.37
CA SER C 301 21.02 4.87 14.57
C SER C 301 21.13 4.58 16.05
N LYS C 302 21.20 3.29 16.39
CA LYS C 302 21.23 2.90 17.79
C LYS C 302 22.37 3.57 18.54
N SER C 303 23.49 3.83 17.89
CA SER C 303 24.61 4.53 18.50
C SER C 303 24.57 6.03 18.26
N GLY C 304 23.61 6.52 17.47
CA GLY C 304 23.60 7.93 17.13
C GLY C 304 24.77 8.33 16.25
N ARG C 305 25.38 7.37 15.58
CA ARG C 305 26.53 7.60 14.74
C ARG C 305 26.17 7.73 13.27
N LEU C 306 24.95 7.35 12.88
CA LEU C 306 24.48 7.51 11.52
C LEU C 306 23.16 8.27 11.58
N LEU C 307 23.05 9.32 10.77
CA LEU C 307 21.84 10.11 10.67
C LEU C 307 21.18 9.83 9.33
N LEU C 308 19.99 9.25 9.35
CA LEU C 308 19.29 8.89 8.13
C LEU C 308 18.25 9.96 7.82
N ALA C 309 18.27 10.44 6.58
CA ALA C 309 17.41 11.55 6.19
C ALA C 309 16.74 11.22 4.87
N GLY C 310 15.41 11.24 4.86
CA GLY C 310 14.65 11.02 3.65
C GLY C 310 14.45 12.31 2.89
N TYR C 311 14.53 12.27 1.57
CA TYR C 311 14.53 13.45 0.75
C TYR C 311 13.39 13.40 -0.27
N ASP C 312 13.14 14.53 -0.93
CA ASP C 312 12.15 14.61 -1.99
C ASP C 312 12.69 14.13 -3.33
N ASP C 313 14.00 13.90 -3.43
CA ASP C 313 14.61 13.40 -4.65
C ASP C 313 14.45 11.90 -4.80
N PHE C 314 13.46 11.31 -4.13
CA PHE C 314 13.02 9.92 -4.22
C PHE C 314 13.93 8.97 -3.46
N ASN C 315 14.98 9.45 -2.80
CA ASN C 315 15.88 8.54 -2.09
C ASN C 315 16.24 9.04 -0.70
N CYS C 316 16.96 8.21 0.05
CA CYS C 316 17.38 8.52 1.41
C CYS C 316 18.90 8.63 1.47
N ASN C 317 19.41 9.40 2.42
CA ASN C 317 20.84 9.62 2.53
C ASN C 317 21.27 9.29 3.95
N VAL C 318 22.46 8.71 4.08
CA VAL C 318 23.02 8.33 5.36
C VAL C 318 24.22 9.23 5.64
N TRP C 319 24.20 9.90 6.78
CA TRP C 319 25.19 10.90 7.13
C TRP C 319 25.99 10.42 8.32
N ASP C 320 27.27 10.77 8.32
CA ASP C 320 28.13 10.57 9.47
C ASP C 320 27.88 11.71 10.43
N ALA C 321 27.15 11.43 11.52
CA ALA C 321 26.65 12.47 12.39
C ALA C 321 27.75 13.27 13.07
N LEU C 322 28.98 12.77 13.10
CA LEU C 322 30.08 13.47 13.73
C LEU C 322 31.07 14.06 12.73
N LYS C 323 31.00 13.65 11.46
CA LYS C 323 31.89 14.17 10.42
C LYS C 323 31.17 15.03 9.41
N ALA C 324 29.85 14.94 9.28
CA ALA C 324 29.02 15.69 8.36
C ALA C 324 29.14 15.21 6.93
N ASP C 325 29.99 14.22 6.65
CA ASP C 325 30.15 13.66 5.33
C ASP C 325 29.15 12.53 5.13
N ARG C 326 28.62 12.41 3.92
CA ARG C 326 27.69 11.33 3.64
C ARG C 326 28.41 9.98 3.70
N ALA C 327 27.69 8.96 4.16
CA ALA C 327 28.26 7.64 4.29
C ALA C 327 27.50 6.59 3.47
N GLY C 328 26.44 6.96 2.78
CA GLY C 328 25.71 5.99 1.98
C GLY C 328 24.43 6.59 1.45
N VAL C 329 23.69 5.74 0.74
CA VAL C 329 22.42 6.12 0.12
C VAL C 329 21.53 4.89 0.08
N LEU C 330 20.22 5.13 0.12
CA LEU C 330 19.23 4.06 0.10
C LEU C 330 18.25 4.30 -1.05
N ALA C 331 18.80 4.56 -2.23
CA ALA C 331 18.00 4.87 -3.42
C ALA C 331 17.35 3.59 -3.90
N GLY C 332 16.10 3.37 -3.48
CA GLY C 332 15.33 2.24 -3.98
C GLY C 332 13.86 2.56 -4.14
N HIS C 333 13.48 3.82 -3.94
CA HIS C 333 12.09 4.23 -3.99
C HIS C 333 11.84 5.03 -5.27
N ASP C 334 10.74 4.71 -5.95
CA ASP C 334 10.38 5.35 -7.21
C ASP C 334 9.55 6.61 -7.01
N ASN C 335 9.54 7.15 -5.80
CA ASN C 335 8.80 8.38 -5.50
C ASN C 335 9.34 8.94 -4.19
N ARG C 336 8.69 10.00 -3.71
CA ARG C 336 9.13 10.67 -2.50
C ARG C 336 9.17 9.80 -1.28
N VAL C 337 10.32 9.79 -0.60
CA VAL C 337 10.41 9.08 0.66
C VAL C 337 9.73 9.99 1.63
N SER C 338 8.68 9.53 2.29
CA SER C 338 7.89 10.37 3.19
C SER C 338 8.14 10.05 4.66
N CYS C 339 8.41 8.79 5.00
CA CYS C 339 8.63 8.41 6.38
C CYS C 339 9.86 7.52 6.46
N LEU C 340 10.42 7.42 7.66
CA LEU C 340 11.69 6.74 7.86
C LEU C 340 11.88 6.50 9.34
N GLY C 341 12.29 5.28 9.69
CA GLY C 341 12.47 4.95 11.10
C GLY C 341 13.37 3.76 11.35
N VAL C 342 14.19 3.85 12.39
CA VAL C 342 15.08 2.76 12.76
C VAL C 342 14.51 2.01 13.96
N THR C 343 14.77 0.70 14.00
CA THR C 343 14.27 -0.15 15.06
C THR C 343 14.97 0.18 16.38
N ASP C 344 14.41 -0.33 17.48
CA ASP C 344 15.00 -0.08 18.79
C ASP C 344 16.27 -0.91 18.99
N ASP C 345 16.29 -2.15 18.50
CA ASP C 345 17.50 -2.95 18.60
C ASP C 345 18.56 -2.46 17.62
N GLY C 346 18.14 -1.68 16.62
CA GLY C 346 19.04 -1.10 15.65
C GLY C 346 19.33 -1.98 14.46
N MET C 347 18.70 -3.16 14.37
CA MET C 347 19.03 -4.12 13.33
C MET C 347 18.49 -3.75 11.96
N ALA C 348 17.53 -2.85 11.85
CA ALA C 348 16.89 -2.61 10.56
C ALA C 348 16.46 -1.16 10.46
N VAL C 349 16.29 -0.72 9.21
CA VAL C 349 15.75 0.59 8.86
C VAL C 349 14.52 0.37 7.99
N ALA C 350 13.50 1.20 8.18
CA ALA C 350 12.31 1.12 7.37
C ALA C 350 12.08 2.48 6.72
N THR C 351 11.76 2.46 5.43
CA THR C 351 11.46 3.67 4.69
C THR C 351 10.13 3.48 3.98
N GLY C 352 9.28 4.49 4.08
CA GLY C 352 8.01 4.47 3.40
C GLY C 352 8.07 5.59 2.38
N SER C 353 7.36 5.44 1.27
CA SER C 353 7.42 6.44 0.21
C SER C 353 6.08 6.60 -0.48
N TRP C 354 5.99 7.60 -1.33
CA TRP C 354 4.78 7.91 -2.06
C TRP C 354 4.48 6.90 -3.16
N ASP C 355 5.36 5.95 -3.42
CA ASP C 355 5.09 4.88 -4.36
C ASP C 355 4.32 3.73 -3.73
N SER C 356 3.90 3.87 -2.48
CA SER C 356 2.98 2.94 -1.83
C SER C 356 3.66 1.62 -1.45
N PHE C 357 4.96 1.67 -1.19
CA PHE C 357 5.71 0.51 -0.75
C PHE C 357 6.52 0.88 0.47
N LEU C 358 6.73 -0.07 1.37
CA LEU C 358 7.69 0.10 2.45
C LEU C 358 8.89 -0.79 2.19
N LYS C 359 10.04 -0.37 2.69
CA LYS C 359 11.27 -1.13 2.50
C LYS C 359 11.99 -1.26 3.83
N ILE C 360 12.44 -2.48 4.11
CA ILE C 360 13.24 -2.78 5.29
C ILE C 360 14.67 -2.98 4.81
N TRP C 361 15.55 -2.06 5.18
CA TRP C 361 16.96 -2.09 4.82
C TRP C 361 17.76 -2.69 5.98
N ASN C 362 18.97 -3.09 5.72
CA ASN C 362 19.86 -3.51 6.78
C ASN C 362 21.16 -3.66 6.09
N ILE D 9 1.26 45.18 22.61
CA ILE D 9 0.92 45.32 24.03
C ILE D 9 0.09 44.12 24.47
N ALA D 10 -0.73 43.59 23.55
CA ALA D 10 -1.56 42.44 23.88
C ALA D 10 -0.71 41.24 24.29
N GLN D 11 0.36 40.98 23.56
CA GLN D 11 1.26 39.86 23.84
C GLN D 11 2.70 40.34 23.86
N ALA D 12 2.94 41.54 24.42
CA ALA D 12 4.27 42.11 24.51
C ALA D 12 4.81 42.05 25.93
N ARG D 13 4.11 41.37 26.84
CA ARG D 13 4.56 41.23 28.22
C ARG D 13 4.87 39.78 28.55
N LYS D 14 4.02 38.83 28.14
CA LYS D 14 4.31 37.42 28.39
C LYS D 14 5.47 36.93 27.52
N LEU D 15 5.58 37.44 26.29
CA LEU D 15 6.66 37.01 25.41
C LEU D 15 8.01 37.42 25.98
N VAL D 16 8.11 38.64 26.50
CA VAL D 16 9.35 39.09 27.11
C VAL D 16 9.66 38.26 28.34
N GLU D 17 8.62 37.88 29.10
CA GLU D 17 8.83 37.01 30.25
C GLU D 17 9.40 35.66 29.82
N GLN D 18 8.88 35.09 28.75
CA GLN D 18 9.39 33.81 28.25
C GLN D 18 10.83 33.95 27.78
N LEU D 19 11.14 35.03 27.08
CA LEU D 19 12.51 35.26 26.63
C LEU D 19 13.46 35.40 27.83
N LYS D 20 13.04 36.13 28.86
CA LYS D 20 13.87 36.25 30.05
C LYS D 20 14.06 34.91 30.74
N MET D 21 13.00 34.11 30.84
CA MET D 21 13.11 32.78 31.43
C MET D 21 14.02 31.86 30.64
N GLU D 22 14.07 32.02 29.31
CA GLU D 22 14.96 31.24 28.47
C GLU D 22 16.43 31.62 28.66
N ALA D 23 16.71 32.92 28.81
CA ALA D 23 18.09 33.38 28.89
C ALA D 23 18.79 32.93 30.17
N ASN D 24 18.12 32.99 31.31
CA ASN D 24 18.77 32.72 32.60
C ASN D 24 18.89 31.22 32.82
N ILE D 25 19.79 30.62 32.04
CA ILE D 25 20.11 29.20 32.16
C ILE D 25 21.58 29.00 31.83
N ASP D 26 22.21 28.08 32.55
CA ASP D 26 23.62 27.79 32.30
C ASP D 26 23.80 27.10 30.96
N ARG D 27 24.86 27.48 30.25
CA ARG D 27 25.15 26.94 28.92
C ARG D 27 26.60 26.48 28.91
N ILE D 28 26.82 25.18 28.76
CA ILE D 28 28.17 24.63 28.71
C ILE D 28 28.80 25.00 27.37
N LYS D 29 30.13 24.84 27.28
CA LYS D 29 30.82 25.13 26.04
C LYS D 29 30.54 24.01 25.02
N VAL D 30 30.61 24.37 23.74
CA VAL D 30 30.36 23.39 22.69
C VAL D 30 31.40 22.28 22.69
N SER D 31 32.61 22.56 23.21
CA SER D 31 33.63 21.52 23.26
C SER D 31 33.17 20.34 24.10
N LYS D 32 32.58 20.60 25.27
CA LYS D 32 32.07 19.52 26.10
C LYS D 32 30.91 18.80 25.42
N ALA D 33 30.02 19.55 24.77
CA ALA D 33 28.90 18.91 24.07
C ALA D 33 29.43 17.94 23.03
N ALA D 34 30.41 18.37 22.24
CA ALA D 34 31.04 17.48 21.26
C ALA D 34 31.70 16.30 21.96
N ALA D 35 32.33 16.54 23.11
CA ALA D 35 33.02 15.46 23.81
C ALA D 35 32.06 14.36 24.20
N ASP D 36 30.93 14.72 24.82
CA ASP D 36 29.96 13.67 25.20
C ASP D 36 29.26 13.07 24.00
N LEU D 37 29.02 13.85 22.94
CA LEU D 37 28.45 13.25 21.73
C LEU D 37 29.36 12.16 21.18
N MET D 38 30.66 12.49 21.02
CA MET D 38 31.61 11.51 20.51
C MET D 38 31.77 10.35 21.48
N ALA D 39 31.76 10.61 22.79
CA ALA D 39 31.90 9.54 23.77
C ALA D 39 30.74 8.57 23.68
N TYR D 40 29.52 9.09 23.56
CA TYR D 40 28.37 8.22 23.40
C TYR D 40 28.46 7.42 22.12
N CYS D 41 28.89 8.06 21.02
CA CYS D 41 28.99 7.33 19.75
C CYS D 41 30.03 6.20 19.85
N GLU D 42 31.15 6.45 20.51
CA GLU D 42 32.18 5.43 20.62
C GLU D 42 31.74 4.31 21.55
N ALA D 43 31.17 4.66 22.70
CA ALA D 43 30.80 3.66 23.69
C ALA D 43 29.76 2.67 23.18
N HIS D 44 28.97 3.05 22.17
CA HIS D 44 27.93 2.18 21.64
C HIS D 44 28.18 1.78 20.19
N ALA D 45 29.40 1.96 19.69
CA ALA D 45 29.71 1.59 18.31
C ALA D 45 29.69 0.09 18.08
N LYS D 46 29.98 -0.72 19.09
CA LYS D 46 30.04 -2.17 18.94
C LYS D 46 28.66 -2.81 18.88
N GLU D 47 27.61 -2.10 19.27
CA GLU D 47 26.25 -2.63 19.29
C GLU D 47 25.33 -1.77 18.44
N ASP D 48 25.83 -1.31 17.29
CA ASP D 48 25.03 -0.63 16.28
C ASP D 48 25.03 -1.49 15.02
N PRO D 49 24.01 -2.32 14.80
CA PRO D 49 24.05 -3.26 13.68
C PRO D 49 24.21 -2.60 12.32
N LEU D 50 23.66 -1.41 12.14
CA LEU D 50 23.79 -0.68 10.88
C LEU D 50 25.17 -0.09 10.69
N LEU D 51 25.82 0.34 11.78
CA LEU D 51 27.20 0.81 11.70
C LEU D 51 28.19 -0.32 11.43
N THR D 52 28.07 -1.43 12.16
CA THR D 52 28.93 -2.60 11.98
C THR D 52 28.04 -3.77 11.56
N PRO D 53 28.04 -4.12 10.28
CA PRO D 53 27.15 -5.19 9.83
C PRO D 53 27.43 -6.49 10.57
N VAL D 54 26.36 -7.22 10.87
CA VAL D 54 26.45 -8.45 11.67
C VAL D 54 26.35 -9.65 10.74
N PRO D 55 26.85 -10.82 11.14
CA PRO D 55 26.81 -11.98 10.25
C PRO D 55 25.38 -12.37 9.90
N ALA D 56 25.26 -13.23 8.88
CA ALA D 56 23.95 -13.69 8.43
C ALA D 56 23.23 -14.52 9.48
N SER D 57 23.92 -15.00 10.50
CA SER D 57 23.27 -15.78 11.55
C SER D 57 22.45 -14.87 12.46
N GLU D 58 23.05 -13.80 12.96
CA GLU D 58 22.38 -12.84 13.84
C GLU D 58 21.83 -11.69 13.01
N ASN D 59 20.93 -12.03 12.09
CA ASN D 59 20.31 -11.05 11.22
C ASN D 59 18.93 -11.57 10.79
N PRO D 60 17.85 -11.13 11.43
CA PRO D 60 16.52 -11.68 11.10
C PRO D 60 15.99 -11.19 9.77
N PHE D 61 16.77 -10.41 9.04
CA PHE D 61 16.34 -9.85 7.76
C PHE D 61 17.26 -10.30 6.63
N LEU E 1 5.87 -21.98 7.50
CA LEU E 1 6.38 -23.26 7.98
C LEU E 1 5.55 -23.97 9.04
N SER E 2 5.57 -23.52 10.30
CA SER E 2 4.78 -24.11 11.39
C SER E 2 3.28 -23.99 11.24
N ALA E 3 2.51 -24.78 11.94
CA ALA E 3 1.08 -24.76 11.80
C ALA E 3 0.50 -23.41 12.03
N GLU E 4 1.04 -22.66 12.97
CA GLU E 4 0.52 -21.39 13.32
C GLU E 4 1.14 -20.31 12.53
N ASP E 5 2.15 -20.62 11.76
CA ASP E 5 2.86 -19.65 10.95
C ASP E 5 2.28 -19.64 9.62
N LYS E 6 1.49 -20.62 9.33
CA LYS E 6 0.87 -20.78 8.06
C LYS E 6 -0.51 -20.33 8.15
N ALA E 7 -1.05 -20.19 9.35
CA ALA E 7 -2.37 -19.69 9.61
C ALA E 7 -2.21 -18.22 9.62
N ALA E 8 -1.07 -17.72 10.06
CA ALA E 8 -0.77 -16.30 9.94
C ALA E 8 -0.59 -15.88 8.49
N VAL E 9 0.06 -16.72 7.67
CA VAL E 9 0.17 -16.43 6.25
C VAL E 9 -1.20 -16.41 5.58
N GLU E 10 -2.07 -17.36 5.92
CA GLU E 10 -3.41 -17.36 5.37
C GLU E 10 -4.19 -16.10 5.77
N ARG E 11 -4.06 -15.68 7.02
CA ARG E 11 -4.69 -14.44 7.46
C ARG E 11 -4.15 -13.25 6.69
N SER E 12 -2.83 -13.20 6.47
CA SER E 12 -2.26 -12.11 5.71
C SER E 12 -2.77 -12.09 4.29
N LYS E 13 -2.91 -13.27 3.68
CA LYS E 13 -3.45 -13.33 2.32
C LYS E 13 -4.90 -12.87 2.28
N MET E 14 -5.70 -13.22 3.29
CA MET E 14 -7.07 -12.71 3.35
C MET E 14 -7.09 -11.19 3.51
N ILE E 15 -6.19 -10.64 4.31
CA ILE E 15 -6.10 -9.19 4.46
C ILE E 15 -5.74 -8.55 3.12
N ASP E 16 -4.78 -9.15 2.41
CA ASP E 16 -4.41 -8.63 1.09
C ASP E 16 -5.60 -8.65 0.14
N ARG E 17 -6.36 -9.75 0.15
CA ARG E 17 -7.51 -9.86 -0.73
C ARG E 17 -8.54 -8.78 -0.41
N ASN E 18 -8.80 -8.55 0.87
CA ASN E 18 -9.75 -7.51 1.26
C ASN E 18 -9.23 -6.12 0.90
N LEU E 19 -7.93 -5.88 1.03
CA LEU E 19 -7.37 -4.60 0.61
C LEU E 19 -7.55 -4.39 -0.89
N ARG E 20 -7.31 -5.44 -1.67
CA ARG E 20 -7.54 -5.35 -3.12
C ARG E 20 -8.99 -5.02 -3.41
N GLU E 21 -9.92 -5.74 -2.77
CA GLU E 21 -11.34 -5.52 -3.02
C GLU E 21 -11.79 -4.13 -2.60
N ASP E 22 -11.23 -3.59 -1.52
CA ASP E 22 -11.57 -2.24 -1.08
C ASP E 22 -10.93 -1.17 -1.94
N GLY E 23 -9.77 -1.43 -2.53
CA GLY E 23 -9.16 -0.50 -3.46
C GLY E 23 -9.90 -0.47 -4.78
N GLU E 24 -10.44 -1.61 -5.18
CA GLU E 24 -11.26 -1.66 -6.40
C GLU E 24 -12.51 -0.81 -6.24
N LYS E 25 -13.15 -0.87 -5.08
CA LYS E 25 -14.36 -0.09 -4.84
C LYS E 25 -14.09 1.39 -4.67
N ALA E 26 -12.89 1.77 -4.23
CA ALA E 26 -12.55 3.18 -4.08
C ALA E 26 -12.18 3.84 -5.40
N ALA E 27 -11.62 3.09 -6.34
CA ALA E 27 -11.23 3.64 -7.62
C ALA E 27 -12.42 3.97 -8.52
N ARG E 28 -13.61 3.47 -8.20
CA ARG E 28 -14.81 3.79 -8.93
C ARG E 28 -15.58 4.96 -8.34
N GLU E 29 -15.10 5.52 -7.24
CA GLU E 29 -15.61 6.78 -6.72
C GLU E 29 -14.78 7.93 -7.29
N VAL E 30 -15.45 9.03 -7.61
CA VAL E 30 -14.77 10.16 -8.24
C VAL E 30 -14.55 11.24 -7.21
N LYS E 31 -13.29 11.41 -6.80
CA LYS E 31 -12.95 12.43 -5.82
C LYS E 31 -12.87 13.79 -6.50
N LEU E 32 -13.48 14.79 -5.86
CA LEU E 32 -13.55 16.14 -6.41
C LEU E 32 -13.11 17.12 -5.33
N LEU E 33 -12.07 17.90 -5.60
CA LEU E 33 -11.61 18.89 -4.64
C LEU E 33 -12.38 20.19 -4.89
N LEU E 34 -13.08 20.69 -3.87
CA LEU E 34 -13.92 21.87 -4.00
C LEU E 34 -13.12 23.09 -3.56
N LEU E 35 -12.81 23.98 -4.50
CA LEU E 35 -12.08 25.20 -4.23
C LEU E 35 -12.96 26.41 -4.53
N GLY E 36 -12.36 27.60 -4.43
CA GLY E 36 -13.07 28.83 -4.67
C GLY E 36 -12.71 29.90 -3.66
N ALA E 37 -12.34 31.09 -4.14
CA ALA E 37 -11.92 32.17 -3.26
C ALA E 37 -13.11 32.70 -2.46
N GLY E 38 -12.93 32.79 -1.14
CA GLY E 38 -13.95 33.34 -0.28
C GLY E 38 -15.27 32.62 -0.36
N GLU E 39 -15.25 31.35 -0.74
CA GLU E 39 -16.46 30.54 -0.88
C GLU E 39 -17.47 31.25 -1.80
N GLY E 41 -19.14 30.10 -4.31
CA GLY E 41 -20.33 29.29 -4.47
C GLY E 41 -20.39 28.16 -3.48
N LYS E 42 -19.63 28.24 -2.41
CA LYS E 42 -19.72 27.21 -1.39
C LYS E 42 -21.12 27.34 -0.84
N SER E 43 -21.60 26.32 -0.14
CA SER E 43 -22.97 26.33 0.34
C SER E 43 -23.93 26.32 -0.84
N ILE E 45 -23.55 25.73 -4.62
CA ILE E 45 -23.00 24.77 -5.55
C ILE E 45 -23.00 23.38 -4.92
N VAL E 46 -22.70 23.30 -3.62
CA VAL E 46 -22.68 22.03 -2.91
C VAL E 46 -24.08 21.54 -2.57
N LYS E 47 -25.08 22.43 -2.58
CA LYS E 47 -26.43 22.02 -2.21
C LYS E 47 -27.15 21.34 -3.36
N GLN E 48 -26.57 21.36 -4.56
CA GLN E 48 -27.24 20.90 -5.77
C GLN E 48 -27.97 19.58 -5.55
N MET E 49 -27.24 18.54 -5.18
CA MET E 49 -27.86 17.25 -4.93
C MET E 49 -28.12 17.09 -3.43
N LYS E 50 -29.25 16.44 -3.12
CA LYS E 50 -29.69 16.29 -1.74
C LYS E 50 -29.93 14.82 -1.41
N ILE E 51 -29.00 13.95 -1.80
CA ILE E 51 -29.10 12.53 -1.55
C ILE E 51 -29.45 12.27 -0.08
N THR E 178 -13.51 20.59 11.73
CA THR E 178 -13.13 19.22 11.41
C THR E 178 -12.36 19.16 10.09
N GLY E 179 -11.68 20.25 9.77
CA GLY E 179 -10.92 20.31 8.54
C GLY E 179 -11.72 20.01 7.30
N ILE E 180 -11.38 18.92 6.63
CA ILE E 180 -12.06 18.51 5.40
C ILE E 180 -13.53 18.22 5.71
N VAL E 181 -14.39 18.49 4.74
CA VAL E 181 -15.81 18.20 4.85
C VAL E 181 -16.18 17.39 3.61
N GLU E 182 -16.20 16.07 3.74
CA GLU E 182 -16.50 15.20 2.61
C GLU E 182 -18.02 15.07 2.45
N THR E 183 -18.51 15.49 1.28
CA THR E 183 -19.92 15.38 0.93
C THR E 183 -20.05 14.27 -0.09
N HIS E 184 -20.84 13.26 0.24
CA HIS E 184 -21.00 12.10 -0.65
C HIS E 184 -22.37 12.14 -1.31
N PHE E 185 -22.39 12.04 -2.63
CA PHE E 185 -23.65 11.90 -3.37
C PHE E 185 -23.45 10.95 -4.54
N THR E 186 -24.54 10.72 -5.27
CA THR E 186 -24.56 9.72 -6.33
C THR E 186 -25.28 10.28 -7.55
N PHE E 187 -24.83 9.87 -8.73
CA PHE E 187 -25.46 10.32 -9.97
C PHE E 187 -25.16 9.30 -11.07
N LYS E 188 -26.22 8.72 -11.64
CA LYS E 188 -26.09 7.79 -12.75
C LYS E 188 -25.12 6.65 -12.43
N ASP E 189 -25.25 6.10 -11.22
CA ASP E 189 -24.43 4.97 -10.81
C ASP E 189 -22.97 5.36 -10.68
N LEU E 190 -22.71 6.65 -10.40
CA LEU E 190 -21.35 7.15 -10.18
C LEU E 190 -21.33 7.85 -8.85
N HIS E 191 -20.38 7.44 -7.99
CA HIS E 191 -20.29 7.98 -6.64
C HIS E 191 -19.34 9.14 -6.56
N PHE E 192 -19.83 10.27 -6.09
CA PHE E 192 -19.02 11.48 -5.99
C PHE E 192 -18.73 11.80 -4.53
N LYS E 193 -17.45 11.98 -4.22
CA LYS E 193 -17.02 12.50 -2.93
C LYS E 193 -16.41 13.87 -3.17
N MET E 194 -17.07 14.91 -2.66
CA MET E 194 -16.63 16.29 -2.82
C MET E 194 -15.98 16.71 -1.52
N PHE E 195 -14.68 16.95 -1.55
CA PHE E 195 -13.91 17.33 -0.36
C PHE E 195 -13.78 18.84 -0.33
N ASP E 196 -14.32 19.47 0.70
CA ASP E 196 -14.20 20.90 0.90
C ASP E 196 -13.16 21.18 1.99
N VAL E 197 -12.26 22.10 1.70
CA VAL E 197 -11.14 22.40 2.58
C VAL E 197 -11.19 23.87 3.02
N GLY E 198 -12.41 24.42 3.07
CA GLY E 198 -12.54 25.81 3.48
C GLY E 198 -12.12 26.05 4.91
N GLY E 199 -12.38 25.08 5.79
CA GLY E 199 -12.09 25.25 7.21
C GLY E 199 -10.61 25.20 7.55
N GLN E 200 -9.78 24.64 6.66
CA GLN E 200 -8.35 24.53 6.93
C GLN E 200 -7.71 25.90 6.79
N ARG E 201 -7.32 26.49 7.92
CA ARG E 201 -6.69 27.81 7.94
C ARG E 201 -5.18 27.75 7.75
N SER E 202 -4.60 26.55 7.66
CA SER E 202 -3.16 26.41 7.51
C SER E 202 -2.73 26.80 6.10
N GLU E 203 -1.42 26.96 5.94
CA GLU E 203 -0.87 27.26 4.62
C GLU E 203 -1.20 26.13 3.65
N ARG E 204 -1.70 26.50 2.46
CA ARG E 204 -2.16 25.49 1.53
C ARG E 204 -1.03 24.58 1.06
N LYS E 205 0.21 25.07 1.10
CA LYS E 205 1.33 24.29 0.57
C LYS E 205 1.56 23.01 1.36
N LYS E 206 1.09 22.93 2.60
CA LYS E 206 1.39 21.80 3.47
C LYS E 206 0.31 20.72 3.45
N TRP E 207 -0.82 20.96 2.79
CA TRP E 207 -1.85 19.93 2.70
C TRP E 207 -2.48 19.85 1.32
N ILE E 208 -2.04 20.66 0.35
CA ILE E 208 -2.57 20.55 -1.00
C ILE E 208 -1.98 19.35 -1.75
N HIS E 209 -0.76 18.93 -1.41
CA HIS E 209 -0.20 17.72 -1.99
C HIS E 209 -0.99 16.49 -1.60
N CYS E 210 -1.79 16.55 -0.53
CA CYS E 210 -2.61 15.41 -0.14
C CYS E 210 -3.65 15.10 -1.20
N PHE E 211 -4.18 16.13 -1.85
CA PHE E 211 -5.23 15.96 -2.84
C PHE E 211 -4.70 15.74 -4.24
N GLU E 212 -3.39 15.66 -4.42
CA GLU E 212 -2.83 15.27 -5.71
C GLU E 212 -3.35 13.89 -6.09
N GLY E 213 -4.07 13.82 -7.20
CA GLY E 213 -4.69 12.59 -7.64
C GLY E 213 -6.20 12.62 -7.65
N VAL E 214 -6.83 13.69 -7.14
CA VAL E 214 -8.28 13.80 -7.24
C VAL E 214 -8.67 13.81 -8.71
N THR E 215 -9.88 13.33 -9.00
CA THR E 215 -10.35 13.26 -10.37
C THR E 215 -10.40 14.65 -11.00
N ALA E 216 -10.91 15.63 -10.25
CA ALA E 216 -11.01 16.99 -10.78
C ALA E 216 -11.12 17.97 -9.63
N ILE E 217 -11.02 19.25 -9.99
CA ILE E 217 -11.14 20.37 -9.06
C ILE E 217 -12.35 21.18 -9.50
N ILE E 218 -13.34 21.29 -8.62
CA ILE E 218 -14.48 22.16 -8.89
C ILE E 218 -14.17 23.54 -8.32
N PHE E 219 -13.94 24.49 -9.20
CA PHE E 219 -13.58 25.86 -8.82
C PHE E 219 -14.75 26.78 -9.11
N CYS E 220 -15.44 27.22 -8.06
CA CYS E 220 -16.59 28.09 -8.20
C CYS E 220 -16.16 29.54 -8.10
N VAL E 221 -16.60 30.35 -9.07
CA VAL E 221 -16.29 31.77 -9.09
C VAL E 221 -17.59 32.53 -9.24
N ALA E 222 -17.76 33.60 -8.45
CA ALA E 222 -18.99 34.38 -8.51
C ALA E 222 -18.86 35.48 -9.53
N LEU E 223 -19.71 35.42 -10.54
CA LEU E 223 -19.68 36.45 -11.58
C LEU E 223 -20.03 37.81 -11.02
N SER E 224 -20.94 37.87 -10.05
CA SER E 224 -21.35 39.14 -9.44
C SER E 224 -20.37 39.58 -8.37
N ASP E 225 -19.09 39.62 -8.73
CA ASP E 225 -18.05 40.10 -7.83
C ASP E 225 -17.04 41.00 -8.52
N TYR E 226 -17.17 41.22 -9.84
CA TYR E 226 -16.23 42.09 -10.54
C TYR E 226 -16.33 43.52 -10.03
N ASP E 227 -17.54 44.00 -9.79
CA ASP E 227 -17.72 45.36 -9.30
C ASP E 227 -17.41 45.48 -7.82
N LEU E 228 -17.68 44.43 -7.04
CA LEU E 228 -17.42 44.47 -5.61
C LEU E 228 -15.91 44.52 -5.34
N VAL E 229 -15.57 44.65 -4.06
CA VAL E 229 -14.18 44.72 -3.65
C VAL E 229 -14.06 44.44 -2.15
N ASN E 237 -12.47 43.84 -7.58
CA ASN E 237 -11.25 43.37 -6.91
C ASN E 237 -11.39 41.89 -6.55
N ARG E 238 -12.54 41.52 -6.00
CA ARG E 238 -12.77 40.12 -5.64
C ARG E 238 -12.60 39.20 -6.84
N MET E 239 -13.03 39.64 -8.03
CA MET E 239 -12.79 38.84 -9.23
C MET E 239 -11.31 38.68 -9.51
N HIS E 240 -10.50 39.73 -9.28
CA HIS E 240 -9.06 39.58 -9.44
C HIS E 240 -8.49 38.61 -8.43
N GLU E 241 -9.04 38.58 -7.21
CA GLU E 241 -8.62 37.57 -6.24
C GLU E 241 -8.97 36.17 -6.74
N SER E 242 -10.14 36.01 -7.34
CA SER E 242 -10.52 34.72 -7.90
C SER E 242 -9.56 34.30 -9.00
N MET E 243 -9.19 35.26 -9.85
CA MET E 243 -8.26 34.96 -10.93
C MET E 243 -6.90 34.59 -10.38
N LYS E 244 -6.45 35.27 -9.34
CA LYS E 244 -5.16 34.95 -8.72
C LYS E 244 -5.18 33.56 -8.12
N LEU E 245 -6.26 33.19 -7.43
CA LEU E 245 -6.35 31.85 -6.87
C LEU E 245 -6.40 30.80 -7.97
N PHE E 246 -7.12 31.08 -9.05
CA PHE E 246 -7.19 30.14 -10.16
C PHE E 246 -5.82 29.95 -10.79
N ASP E 247 -5.04 31.03 -10.93
CA ASP E 247 -3.69 30.90 -11.44
C ASP E 247 -2.81 30.09 -10.49
N SER E 248 -2.94 30.32 -9.19
CA SER E 248 -2.14 29.58 -8.22
C SER E 248 -2.46 28.09 -8.27
N ILE E 249 -3.74 27.74 -8.42
CA ILE E 249 -4.14 26.34 -8.38
C ILE E 249 -3.91 25.62 -9.71
N CYS E 250 -4.32 26.22 -10.82
CA CYS E 250 -4.18 25.57 -12.12
C CYS E 250 -2.72 25.31 -12.45
N ASN E 251 -1.87 26.31 -12.26
CA ASN E 251 -0.43 26.18 -12.52
C ASN E 251 0.29 25.76 -11.24
N ASN E 252 -0.12 24.61 -10.71
CA ASN E 252 0.45 24.06 -9.49
C ASN E 252 1.20 22.78 -9.80
N LYS E 253 2.30 22.57 -9.07
CA LYS E 253 3.14 21.39 -9.31
C LYS E 253 2.36 20.09 -9.12
N TRP E 254 1.31 20.12 -8.30
CA TRP E 254 0.57 18.91 -7.98
C TRP E 254 -0.62 18.67 -8.89
N PHE E 255 -1.08 19.70 -9.59
CA PHE E 255 -2.27 19.59 -10.43
C PHE E 255 -1.91 19.83 -11.89
N THR E 256 -0.81 19.21 -12.35
CA THR E 256 -0.42 19.34 -13.74
C THR E 256 -1.46 18.77 -14.70
N ASP E 257 -2.03 17.61 -14.36
CA ASP E 257 -2.99 16.95 -15.22
C ASP E 257 -4.40 16.90 -14.63
N THR E 258 -4.65 17.58 -13.51
CA THR E 258 -5.95 17.56 -12.88
C THR E 258 -6.85 18.59 -13.55
N SER E 259 -7.88 18.10 -14.25
CA SER E 259 -8.82 18.99 -14.91
C SER E 259 -9.58 19.82 -13.88
N ILE E 260 -9.90 21.05 -14.26
CA ILE E 260 -10.60 21.99 -13.40
C ILE E 260 -11.98 22.23 -13.99
N ILE E 261 -13.01 22.07 -13.16
CA ILE E 261 -14.38 22.36 -13.55
C ILE E 261 -14.70 23.76 -13.05
N LEU E 262 -14.68 24.75 -13.95
CA LEU E 262 -14.87 26.14 -13.57
C LEU E 262 -16.36 26.46 -13.55
N PHE E 263 -16.90 26.69 -12.37
CA PHE E 263 -18.31 27.05 -12.17
C PHE E 263 -18.39 28.56 -12.03
N LEU E 264 -18.95 29.22 -13.05
CA LEU E 264 -19.18 30.66 -13.00
C LEU E 264 -20.62 30.89 -12.58
N ASN E 265 -20.83 31.02 -11.27
CA ASN E 265 -22.18 31.20 -10.77
C ASN E 265 -22.54 32.67 -10.61
N LYS E 266 -23.65 32.98 -10.00
CA LYS E 266 -24.15 34.33 -9.79
C LYS E 266 -24.39 35.06 -11.10
N LYS E 267 -24.58 34.33 -12.20
CA LYS E 267 -24.80 34.99 -13.49
C LYS E 267 -26.07 35.83 -13.48
N ASP E 268 -27.07 35.43 -12.67
CA ASP E 268 -28.29 36.23 -12.57
C ASP E 268 -27.99 37.62 -12.05
N LEU E 269 -27.29 37.71 -10.93
CA LEU E 269 -26.90 39.00 -10.39
C LEU E 269 -25.92 39.72 -11.32
N PHE E 270 -25.11 38.94 -12.04
CA PHE E 270 -24.17 39.51 -12.98
C PHE E 270 -24.90 40.27 -14.09
N GLU E 271 -26.03 39.73 -14.54
CA GLU E 271 -26.83 40.43 -15.54
C GLU E 271 -27.21 41.83 -15.07
N GLU E 272 -27.79 41.94 -13.88
CA GLU E 272 -28.20 43.24 -13.39
C GLU E 272 -26.99 44.14 -13.14
N LYS E 273 -25.91 43.57 -12.63
CA LYS E 273 -24.71 44.37 -12.34
C LYS E 273 -24.16 44.99 -13.62
N ILE E 274 -24.00 44.19 -14.67
CA ILE E 274 -23.45 44.73 -15.92
C ILE E 274 -24.46 45.67 -16.57
N LYS E 275 -25.76 45.43 -16.38
CA LYS E 275 -26.76 46.35 -16.88
C LYS E 275 -26.61 47.73 -16.24
N LYS E 276 -26.39 47.75 -14.92
CA LYS E 276 -26.22 49.01 -14.21
C LYS E 276 -24.78 49.51 -14.30
N SER E 277 -23.84 48.70 -13.80
CA SER E 277 -22.43 49.08 -13.74
C SER E 277 -21.67 48.36 -14.86
N PRO E 278 -20.95 49.07 -15.73
CA PRO E 278 -20.23 48.39 -16.83
C PRO E 278 -19.21 47.38 -16.33
N LEU E 279 -18.98 46.32 -17.12
CA LEU E 279 -18.00 45.32 -16.76
C LEU E 279 -16.58 45.86 -16.82
N THR E 280 -16.36 47.05 -17.36
CA THR E 280 -15.00 47.55 -17.47
C THR E 280 -14.46 47.96 -16.10
N ILE E 281 -15.31 47.99 -15.08
CA ILE E 281 -14.88 48.35 -13.74
C ILE E 281 -13.71 47.46 -13.32
N CYS E 282 -13.85 46.16 -13.61
CA CYS E 282 -12.81 45.20 -13.25
C CYS E 282 -11.83 44.92 -14.38
N TYR E 283 -12.26 45.08 -15.63
CA TYR E 283 -11.41 44.82 -16.78
C TYR E 283 -11.27 46.07 -17.64
N PRO E 284 -10.29 46.93 -17.36
CA PRO E 284 -10.10 48.14 -18.19
C PRO E 284 -9.93 47.81 -19.66
N GLU E 285 -9.24 46.70 -19.96
CA GLU E 285 -9.01 46.32 -21.35
C GLU E 285 -10.31 45.92 -22.05
N TYR E 286 -11.35 45.62 -21.28
CA TYR E 286 -12.63 45.22 -21.87
C TYR E 286 -13.17 46.31 -22.77
N ALA E 287 -13.50 45.93 -24.01
CA ALA E 287 -13.99 46.87 -25.01
C ALA E 287 -15.20 46.27 -25.73
N GLY E 288 -16.11 45.69 -24.95
CA GLY E 288 -17.28 45.05 -25.52
C GLY E 288 -18.55 45.51 -24.82
N SER E 289 -19.67 45.20 -25.45
CA SER E 289 -20.97 45.57 -24.93
C SER E 289 -21.18 45.02 -23.53
N ASN E 290 -21.69 45.87 -22.64
CA ASN E 290 -21.97 45.47 -21.26
C ASN E 290 -23.27 44.65 -21.26
N THR E 291 -23.16 43.43 -21.77
CA THR E 291 -24.29 42.52 -21.85
C THR E 291 -23.82 41.12 -21.48
N TYR E 292 -24.74 40.31 -20.94
CA TYR E 292 -24.39 38.97 -20.50
C TYR E 292 -23.71 38.17 -21.61
N GLU E 293 -24.33 38.15 -22.80
CA GLU E 293 -23.83 37.28 -23.87
C GLU E 293 -22.35 37.54 -24.16
N GLU E 294 -21.92 38.80 -24.04
CA GLU E 294 -20.55 39.16 -24.35
C GLU E 294 -19.68 39.23 -23.10
N ALA E 295 -20.18 39.86 -22.03
CA ALA E 295 -19.38 40.02 -20.83
C ALA E 295 -19.06 38.67 -20.19
N ALA E 296 -20.04 37.77 -20.11
CA ALA E 296 -19.84 36.46 -19.53
C ALA E 296 -18.80 35.68 -20.30
N ALA E 297 -18.90 35.71 -21.64
CA ALA E 297 -17.91 35.04 -22.46
C ALA E 297 -16.52 35.64 -22.29
N TYR E 298 -16.42 36.97 -22.22
CA TYR E 298 -15.13 37.60 -22.03
C TYR E 298 -14.50 37.19 -20.70
N ILE E 299 -15.31 37.12 -19.64
CA ILE E 299 -14.79 36.68 -18.35
C ILE E 299 -14.36 35.22 -18.43
N GLN E 300 -15.15 34.39 -19.12
CA GLN E 300 -14.79 32.98 -19.24
C GLN E 300 -13.46 32.81 -19.94
N CYS E 301 -13.24 33.54 -21.03
CA CYS E 301 -11.93 33.49 -21.70
C CYS E 301 -10.82 34.07 -20.84
N GLN E 302 -11.07 35.17 -20.12
CA GLN E 302 -10.07 35.71 -19.23
C GLN E 302 -9.66 34.73 -18.14
N PHE E 303 -10.56 33.82 -17.77
CA PHE E 303 -10.25 32.82 -16.76
C PHE E 303 -9.56 31.62 -17.37
N GLU E 304 -10.02 31.19 -18.53
CA GLU E 304 -9.45 30.02 -19.18
C GLU E 304 -8.05 30.29 -19.74
N ASP E 305 -7.69 31.56 -19.97
CA ASP E 305 -6.37 31.91 -20.46
C ASP E 305 -5.29 31.75 -19.40
N LEU E 306 -5.66 31.68 -18.13
CA LEU E 306 -4.68 31.48 -17.06
C LEU E 306 -4.02 30.11 -17.14
N ASN E 307 -4.66 29.14 -17.76
CA ASN E 307 -4.08 27.82 -17.92
C ASN E 307 -2.85 27.92 -18.82
N LYS E 308 -1.69 27.51 -18.29
CA LYS E 308 -0.43 27.54 -19.03
C LYS E 308 -0.04 26.17 -19.56
N ARG E 309 -0.91 25.16 -19.39
CA ARG E 309 -0.58 23.79 -19.75
C ARG E 309 -1.73 23.17 -20.54
N LYS E 310 -2.26 23.87 -21.51
CA LYS E 310 -3.45 23.35 -22.19
C LYS E 310 -3.26 21.98 -22.84
N ASP E 311 -2.03 21.54 -23.07
CA ASP E 311 -1.83 20.20 -23.60
C ASP E 311 -2.12 19.13 -22.55
N THR E 312 -1.84 19.42 -21.28
CA THR E 312 -1.96 18.43 -20.22
C THR E 312 -3.37 18.36 -19.66
N LYS E 313 -3.95 19.50 -19.30
CA LYS E 313 -5.23 19.55 -18.61
C LYS E 313 -6.24 20.36 -19.42
N GLU E 314 -7.51 20.21 -19.06
CA GLU E 314 -8.60 20.91 -19.73
C GLU E 314 -9.52 21.50 -18.68
N ILE E 315 -9.98 22.73 -18.91
CA ILE E 315 -10.89 23.41 -18.00
C ILE E 315 -12.30 23.32 -18.58
N TYR E 316 -13.23 22.78 -17.79
CA TYR E 316 -14.60 22.54 -18.23
C TYR E 316 -15.47 23.65 -17.68
N THR E 317 -15.49 24.78 -18.39
CA THR E 317 -16.25 25.94 -17.94
C THR E 317 -17.74 25.69 -18.02
N HIS E 318 -18.48 26.37 -17.16
CA HIS E 318 -19.93 26.22 -17.11
C HIS E 318 -20.51 27.36 -16.28
N PHE E 319 -21.64 27.90 -16.73
CA PHE E 319 -22.33 28.98 -16.02
C PHE E 319 -23.42 28.37 -15.16
N THR E 320 -23.17 28.34 -13.85
CA THR E 320 -24.08 27.70 -12.91
C THR E 320 -25.54 28.13 -12.93
N CYS E 321 -26.44 27.17 -13.12
CA CYS E 321 -27.88 27.44 -13.12
C CYS E 321 -28.51 26.26 -12.37
N ALA E 322 -29.25 26.56 -11.30
CA ALA E 322 -29.81 25.51 -10.44
C ALA E 322 -30.45 24.42 -11.29
N THR E 323 -31.52 24.75 -12.01
CA THR E 323 -32.16 23.85 -12.96
C THR E 323 -32.17 22.41 -12.46
N ASP E 324 -32.59 22.21 -11.21
CA ASP E 324 -32.54 20.91 -10.58
C ASP E 324 -31.22 20.21 -10.87
N THR E 325 -31.23 19.19 -11.72
CA THR E 325 -30.04 18.40 -12.04
C THR E 325 -29.36 18.91 -13.31
N LYS E 326 -28.93 20.17 -13.30
CA LYS E 326 -28.18 20.75 -14.41
C LYS E 326 -26.69 20.90 -14.07
N ASN E 327 -26.37 21.39 -12.87
CA ASN E 327 -24.98 21.50 -12.47
C ASN E 327 -24.38 20.12 -12.21
N VAL E 328 -25.12 19.25 -11.53
CA VAL E 328 -24.64 17.89 -11.29
C VAL E 328 -24.48 17.16 -12.61
N GLN E 329 -25.36 17.42 -13.58
CA GLN E 329 -25.21 16.81 -14.90
C GLN E 329 -23.91 17.22 -15.55
N PHE E 330 -23.57 18.51 -15.49
CA PHE E 330 -22.32 18.97 -16.09
C PHE E 330 -21.11 18.38 -15.36
N VAL E 331 -21.19 18.31 -14.03
CA VAL E 331 -20.08 17.72 -13.28
C VAL E 331 -19.90 16.26 -13.67
N PHE E 332 -21.01 15.53 -13.83
CA PHE E 332 -20.92 14.14 -14.25
C PHE E 332 -20.32 14.02 -15.65
N ASP E 333 -20.73 14.89 -16.57
CA ASP E 333 -20.18 14.85 -17.92
C ASP E 333 -18.68 15.11 -17.94
N ALA E 334 -18.24 16.16 -17.26
CA ALA E 334 -16.81 16.44 -17.19
C ALA E 334 -16.04 15.33 -16.49
N VAL E 335 -16.61 14.75 -15.44
CA VAL E 335 -15.92 13.70 -14.71
C VAL E 335 -15.79 12.44 -15.56
N THR E 336 -16.82 12.12 -16.34
CA THR E 336 -16.73 10.94 -17.20
C THR E 336 -15.73 11.17 -18.33
N ASP E 337 -15.66 12.39 -18.86
CA ASP E 337 -14.65 12.69 -19.86
C ASP E 337 -13.25 12.55 -19.28
N VAL E 338 -13.04 13.08 -18.08
CA VAL E 338 -11.74 12.96 -17.42
C VAL E 338 -11.40 11.51 -17.15
N ILE E 339 -12.39 10.72 -16.72
CA ILE E 339 -12.15 9.32 -16.44
C ILE E 339 -11.74 8.59 -17.71
N ILE E 340 -12.38 8.94 -18.81
CA ILE E 340 -12.08 8.30 -20.08
C ILE E 340 -10.65 8.65 -20.49
N LYS E 341 -10.24 9.89 -20.31
CA LYS E 341 -8.87 10.28 -20.61
C LYS E 341 -7.89 9.49 -19.75
N ASN E 342 -8.18 9.37 -18.45
CA ASN E 342 -7.28 8.66 -17.55
C ASN E 342 -7.18 7.19 -17.90
N ASN E 343 -8.31 6.57 -18.25
CA ASN E 343 -8.31 5.16 -18.65
C ASN E 343 -7.57 4.94 -19.97
N LEU E 344 -7.68 5.87 -20.92
CA LEU E 344 -6.85 5.79 -22.11
C LEU E 344 -5.36 5.87 -21.75
N LYS E 345 -5.00 6.79 -20.85
CA LYS E 345 -3.60 6.87 -20.43
C LYS E 345 -3.15 5.62 -19.69
N ASP E 346 -4.02 5.03 -18.86
CA ASP E 346 -3.64 3.86 -18.10
C ASP E 346 -3.55 2.60 -18.94
N CYS E 347 -4.23 2.54 -20.08
CA CYS E 347 -4.16 1.41 -20.98
C CYS E 347 -3.10 1.55 -22.05
N GLY E 348 -2.44 2.70 -22.13
CA GLY E 348 -1.52 2.96 -23.22
C GLY E 348 -2.18 3.33 -24.52
N LEU E 349 -3.51 3.29 -24.58
CA LEU E 349 -4.24 3.62 -25.79
C LEU E 349 -4.15 5.09 -26.15
N PHE E 350 -3.43 5.85 -25.32
CA PHE E 350 -3.27 7.27 -25.51
C PHE E 350 -2.18 7.67 -24.56
N LYS F 2 5.25 -21.76 -45.46
CA LYS F 2 6.20 -20.65 -45.39
C LYS F 2 7.08 -20.56 -46.62
#